data_9BEF
#
_entry.id   9BEF
#
_cell.length_a   80.314
_cell.length_b   102.743
_cell.length_c   190.051
_cell.angle_alpha   90.00
_cell.angle_beta   90.00
_cell.angle_gamma   90.00
#
_symmetry.space_group_name_H-M   'P 21 21 21'
#
loop_
_entity.id
_entity.type
_entity.pdbx_description
1 polymer 'S1_8B sulfatase'
2 branched 2,6-di-O-sulfo-alpha-D-galactopyranose-(1-3)-2-O-sulfo-beta-D-galactopyranose-(1-4)-2,6-di-O-sulfo-alpha-D-galactopyranose-(1-3)-2-O-sulfo-beta-D-galactopyranose
3 non-polymer 'CALCIUM ION'
4 non-polymer 'SULFATE ION'
5 non-polymer 1,2-ETHANEDIOL
6 non-polymer 'CHLORIDE ION'
7 water water
#
_entity_poly.entity_id   1
_entity_poly.type   'polypeptide(L)'
_entity_poly.pdbx_seq_one_letter_code
;MGSSHHHHHHSSGLVPRGSHMASEVDTSKSIKNIDKTKLAVNQKKPTNILWIYMEDQNPWNNAWGDYTVSTPNIKKFADQ
GVRFTNAHQPAPVSSATRSALITGQYQTTLGLQNHRSSRASYNATFLPEGYKTVPELFVDAGYQTFNIGKDDYNFKYDRS
KLYNAHEGKAGFQGAHDGTKFDWANNLKNKPFFGQIQLKGGKHHNFNGKDVPQVDPDKMTLPAYYADTPATRAEWAKHYK
TQVLSDIELGQILKELDDNNILENTAIFWFSDHGMLLLRHKQELYEDGVKVPLIISWPAGKELLKSKGAVRNDLISGLDI
PATSLALAGIDIPSYYDGKNVFSEEFSGRDYVISAKDRMDYTFDRARSVRTEKYRYIRQYHPELSSAQPQYRDKKQYSIE
ARALYEEGKLTPVQAAYYSPTKPVEELYDLQSDPDQIKNLAALPKYKKELLRHRQILLDWIAKTDDKGAYPESERAVKEV
LDIWGKNCVSTQCESYRLHHPDSVNIPGDKVYSPIQWPAYMPKPKTPYYSEIEHIYRKKFQ
;
_entity_poly.pdbx_strand_id   A,B
#
# COMPACT_ATOMS: atom_id res chain seq x y z
N GLN A 43 -15.33 -31.03 8.68
CA GLN A 43 -16.19 -29.95 9.18
C GLN A 43 -15.96 -29.70 10.68
N LYS A 44 -15.25 -30.61 11.34
CA LYS A 44 -14.94 -30.45 12.76
C LYS A 44 -13.99 -29.28 12.98
N LYS A 45 -14.19 -28.56 14.08
CA LYS A 45 -13.40 -27.37 14.39
C LYS A 45 -13.07 -27.35 15.88
N PRO A 46 -11.90 -26.83 16.24
CA PRO A 46 -11.59 -26.68 17.67
C PRO A 46 -12.46 -25.60 18.27
N THR A 47 -12.66 -25.71 19.59
CA THR A 47 -13.41 -24.67 20.29
C THR A 47 -12.56 -23.42 20.52
N ASN A 48 -11.27 -23.58 20.80
CA ASN A 48 -10.39 -22.46 21.15
C ASN A 48 -9.11 -22.52 20.33
N ILE A 49 -8.48 -21.35 20.19
CA ILE A 49 -7.16 -21.18 19.59
C ILE A 49 -6.26 -20.62 20.67
N LEU A 50 -5.07 -21.20 20.82
CA LEU A 50 -4.09 -20.70 21.78
C LEU A 50 -2.71 -20.59 21.13
N TRP A 51 -2.10 -19.42 21.23
CA TRP A 51 -0.72 -19.23 20.81
C TRP A 51 0.16 -19.23 22.05
N ILE A 52 1.14 -20.12 22.08
CA ILE A 52 2.20 -20.10 23.09
C ILE A 52 3.40 -19.47 22.42
N TYR A 53 3.71 -18.24 22.82
CA TYR A 53 4.42 -17.26 22.01
C TYR A 53 5.73 -16.94 22.71
N MET A 54 6.85 -17.47 22.23
CA MET A 54 8.12 -17.31 22.93
C MET A 54 9.02 -16.27 22.26
N GLU A 55 9.87 -15.64 23.06
CA GLU A 55 10.87 -14.70 22.56
C GLU A 55 12.14 -15.44 22.20
N ASP A 56 12.81 -14.98 21.13
CA ASP A 56 14.25 -15.19 20.88
C ASP A 56 14.67 -16.64 21.08
N GLN A 57 14.07 -17.58 20.34
CA GLN A 57 14.43 -18.97 20.64
C GLN A 57 14.42 -19.80 19.38
N ASN A 58 15.44 -20.57 19.21
CA ASN A 58 15.68 -21.54 18.16
C ASN A 58 15.35 -22.94 18.68
N PRO A 59 15.00 -23.87 17.81
CA PRO A 59 14.53 -25.18 18.30
C PRO A 59 15.68 -26.14 18.64
N TRP A 60 16.43 -25.80 19.69
CA TRP A 60 17.52 -26.68 20.14
C TRP A 60 17.00 -27.69 21.16
N ASN A 61 16.01 -28.47 20.73
CA ASN A 61 15.31 -29.37 21.63
C ASN A 61 15.25 -30.76 21.02
N ASN A 62 14.72 -31.70 21.80
CA ASN A 62 14.75 -33.10 21.39
C ASN A 62 13.89 -33.36 20.16
N ALA A 63 12.78 -32.65 19.99
CA ALA A 63 11.93 -32.94 18.83
C ALA A 63 12.62 -32.59 17.51
N TRP A 64 13.61 -31.69 17.52
CA TRP A 64 14.43 -31.41 16.36
C TRP A 64 15.74 -32.20 16.38
N GLY A 65 15.83 -33.22 17.24
CA GLY A 65 16.99 -34.09 17.23
C GLY A 65 18.17 -33.60 18.03
N ASP A 66 18.03 -32.57 18.86
CA ASP A 66 19.12 -32.04 19.65
C ASP A 66 18.97 -32.55 21.07
N TYR A 67 19.87 -33.43 21.49
CA TYR A 67 19.81 -34.06 22.82
C TYR A 67 20.87 -33.55 23.78
N THR A 68 21.36 -32.33 23.56
CA THR A 68 22.22 -31.65 24.52
C THR A 68 21.59 -31.59 25.91
N VAL A 69 20.29 -31.22 25.98
CA VAL A 69 19.53 -31.24 27.21
C VAL A 69 18.26 -32.05 26.97
N SER A 70 17.55 -32.33 28.06
CA SER A 70 16.35 -33.16 27.97
C SER A 70 15.15 -32.22 27.95
N THR A 71 14.32 -32.36 26.92
CA THR A 71 13.12 -31.55 26.75
C THR A 71 11.93 -32.48 26.60
N PRO A 72 11.49 -33.12 27.69
CA PRO A 72 10.46 -34.17 27.54
C PRO A 72 9.10 -33.64 27.16
N ASN A 73 8.67 -32.50 27.72
CA ASN A 73 7.35 -31.98 27.37
C ASN A 73 7.29 -31.59 25.90
N ILE A 74 8.29 -30.87 25.41
CA ILE A 74 8.30 -30.47 24.01
C ILE A 74 8.32 -31.71 23.11
N LYS A 75 9.12 -32.72 23.47
CA LYS A 75 9.21 -33.94 22.66
C LYS A 75 7.84 -34.61 22.55
N LYS A 76 7.13 -34.75 23.67
CA LYS A 76 5.84 -35.42 23.65
C LYS A 76 4.81 -34.59 22.91
N PHE A 77 4.86 -33.27 23.11
CA PHE A 77 3.98 -32.34 22.41
C PHE A 77 4.17 -32.44 20.90
N ALA A 78 5.42 -32.49 20.43
CA ALA A 78 5.66 -32.61 18.99
C ALA A 78 5.22 -33.98 18.48
N ASP A 79 5.58 -35.06 19.19
CA ASP A 79 5.23 -36.40 18.75
C ASP A 79 3.72 -36.56 18.53
N GLN A 80 2.92 -35.93 19.40
CA GLN A 80 1.46 -35.99 19.28
C GLN A 80 0.87 -34.84 18.47
N GLY A 81 1.69 -33.99 17.84
CA GLY A 81 1.14 -32.89 17.06
C GLY A 81 1.76 -32.83 15.68
N VAL A 82 1.76 -31.65 15.06
CA VAL A 82 2.36 -31.45 13.74
C VAL A 82 3.51 -30.48 13.91
N ARG A 83 4.70 -30.91 13.52
CA ARG A 83 5.94 -30.15 13.69
C ARG A 83 6.38 -29.58 12.35
N PHE A 84 6.64 -28.26 12.31
CA PHE A 84 7.01 -27.56 11.08
C PHE A 84 8.49 -27.22 11.15
N THR A 85 9.27 -27.74 10.20
CA THR A 85 10.71 -27.56 10.16
C THR A 85 11.14 -26.45 9.21
N ASN A 86 10.19 -25.77 8.60
CA ASN A 86 10.50 -24.71 7.64
C ASN A 86 9.53 -23.54 7.81
N ALA A 87 9.33 -23.10 9.05
CA ALA A 87 8.50 -21.94 9.35
C ALA A 87 9.40 -20.72 9.45
N HIS A 88 9.26 -19.78 8.50
CA HIS A 88 10.11 -18.60 8.43
C HIS A 88 9.30 -17.35 8.78
N GLN A 89 9.67 -16.68 9.87
CA GLN A 89 9.01 -15.46 10.26
C GLN A 89 9.36 -14.35 9.27
N PRO A 90 8.48 -13.35 9.11
CA PRO A 90 8.76 -12.28 8.15
C PRO A 90 9.79 -11.26 8.63
N ALA A 91 10.32 -11.42 9.84
CA ALA A 91 11.28 -10.47 10.40
C ALA A 91 12.14 -11.19 11.43
N PRO A 92 13.35 -10.68 11.69
CA PRO A 92 14.21 -11.26 12.73
C PRO A 92 14.20 -10.43 14.01
N VAL A 93 13.15 -9.66 14.26
CA VAL A 93 13.09 -8.83 15.47
C VAL A 93 11.63 -8.72 15.93
N SER A 94 11.46 -8.43 17.22
CA SER A 94 10.17 -8.63 17.89
C SER A 94 9.03 -7.85 17.23
N SER A 95 9.11 -6.51 17.24
CA SER A 95 7.91 -5.73 16.91
C SER A 95 7.53 -5.90 15.44
N ALA A 96 8.50 -6.15 14.56
CA ALA A 96 8.20 -6.36 13.15
C ALA A 96 7.46 -7.67 12.92
N THR A 97 7.92 -8.76 13.56
CA THR A 97 7.20 -10.03 13.44
C THR A 97 5.82 -9.93 14.09
N ARG A 98 5.75 -9.40 15.31
CA ARG A 98 4.47 -9.41 16.01
C ARG A 98 3.44 -8.51 15.33
N SER A 99 3.89 -7.41 14.72
CA SER A 99 2.99 -6.55 13.98
C SER A 99 2.49 -7.24 12.72
N ALA A 100 3.39 -7.99 12.05
CA ALA A 100 3.00 -8.73 10.86
C ALA A 100 1.96 -9.79 11.21
N LEU A 101 2.22 -10.57 12.25
CA LEU A 101 1.31 -11.67 12.55
C LEU A 101 -0.04 -11.16 13.06
N ILE A 102 -0.06 -10.03 13.78
CA ILE A 102 -1.34 -9.55 14.31
C ILE A 102 -2.18 -8.83 13.24
N THR A 103 -1.56 -8.26 12.21
CA THR A 103 -2.30 -7.67 11.07
C THR A 103 -2.53 -8.63 9.91
N GLY A 104 -1.87 -9.78 9.90
CA GLY A 104 -2.05 -10.75 8.83
C GLY A 104 -1.28 -10.48 7.55
N GLN A 105 -0.43 -9.44 7.53
CA GLN A 105 0.30 -9.04 6.34
C GLN A 105 1.75 -8.77 6.68
N TYR A 106 2.63 -8.85 5.66
CA TYR A 106 4.01 -8.43 5.87
C TYR A 106 4.03 -7.05 6.53
N GLN A 107 4.91 -6.90 7.52
CA GLN A 107 4.97 -5.65 8.28
C GLN A 107 5.33 -4.47 7.38
N THR A 108 6.09 -4.74 6.32
CA THR A 108 6.50 -3.71 5.39
C THR A 108 5.35 -3.17 4.55
N THR A 109 4.24 -3.88 4.44
CA THR A 109 3.18 -3.43 3.55
C THR A 109 2.39 -2.28 4.17
N LEU A 110 2.18 -2.32 5.48
CA LEU A 110 1.41 -1.29 6.17
C LEU A 110 2.29 -0.31 6.93
N GLY A 111 3.59 -0.30 6.69
CA GLY A 111 4.46 0.68 7.33
C GLY A 111 4.74 0.36 8.77
N LEU A 112 4.74 -0.92 9.14
CA LEU A 112 4.94 -1.38 10.50
C LEU A 112 6.32 -1.99 10.69
N GLN A 113 7.25 -1.77 9.75
CA GLN A 113 8.49 -2.55 9.68
C GLN A 113 9.61 -2.07 10.59
N ASN A 114 9.55 -0.84 11.11
CA ASN A 114 10.67 -0.28 11.85
C ASN A 114 10.51 -0.55 13.35
N HIS A 115 11.53 -1.19 13.93
CA HIS A 115 11.53 -1.61 15.33
C HIS A 115 12.32 -0.58 16.15
N ARG A 116 11.65 0.17 17.04
CA ARG A 116 10.20 0.23 17.25
C ARG A 116 9.66 1.53 16.66
N SER A 117 8.34 1.62 16.43
CA SER A 117 7.79 2.83 15.83
C SER A 117 6.39 3.08 16.37
N SER A 118 5.91 4.31 16.15
CA SER A 118 4.56 4.69 16.52
C SER A 118 4.32 4.61 18.03
N ARG A 119 5.36 4.87 18.83
CA ARG A 119 5.24 4.80 20.28
C ARG A 119 5.00 6.15 20.95
N ALA A 120 5.48 7.24 20.36
CA ALA A 120 5.42 8.54 21.01
C ALA A 120 4.04 9.19 20.83
N SER A 121 3.82 10.28 21.56
CA SER A 121 2.57 11.01 21.44
C SER A 121 2.45 11.70 20.09
N TYR A 122 3.57 12.08 19.49
CA TYR A 122 3.59 12.93 18.29
C TYR A 122 3.87 12.14 17.02
N ASN A 123 4.00 10.82 17.10
CA ASN A 123 4.33 10.00 15.94
C ASN A 123 3.46 8.76 15.97
N ALA A 124 2.61 8.59 14.96
CA ALA A 124 1.55 7.59 15.05
C ALA A 124 1.31 6.96 13.69
N THR A 125 1.22 5.63 13.68
CA THR A 125 0.66 4.89 12.56
C THR A 125 -0.67 4.30 13.01
N PHE A 126 -1.72 4.55 12.24
CA PHE A 126 -3.02 3.93 12.45
C PHE A 126 -3.31 2.99 11.28
N LEU A 127 -3.83 1.80 11.60
CA LEU A 127 -4.25 0.87 10.56
C LEU A 127 -5.40 1.49 9.77
N PRO A 128 -5.60 1.06 8.52
CA PRO A 128 -6.62 1.70 7.68
C PRO A 128 -8.02 1.59 8.27
N GLU A 129 -8.84 2.58 7.95
CA GLU A 129 -10.26 2.51 8.24
C GLU A 129 -10.84 1.20 7.70
N GLY A 130 -11.62 0.50 8.54
CA GLY A 130 -12.22 -0.76 8.15
C GLY A 130 -11.34 -1.99 8.35
N TYR A 131 -10.07 -1.82 8.69
CA TYR A 131 -9.14 -2.94 8.80
C TYR A 131 -9.43 -3.80 10.02
N LYS A 132 -9.23 -5.12 9.90
CA LYS A 132 -9.44 -6.04 11.00
C LYS A 132 -8.14 -6.78 11.32
N THR A 133 -7.60 -6.56 12.52
CA THR A 133 -6.54 -7.42 13.02
C THR A 133 -7.09 -8.81 13.34
N VAL A 134 -6.18 -9.76 13.58
CA VAL A 134 -6.62 -11.13 13.85
C VAL A 134 -7.49 -11.20 15.10
N PRO A 135 -7.14 -10.57 16.23
CA PRO A 135 -8.04 -10.64 17.39
C PRO A 135 -9.40 -10.01 17.13
N GLU A 136 -9.42 -8.91 16.37
CA GLU A 136 -10.71 -8.28 16.10
C GLU A 136 -11.62 -9.22 15.31
N LEU A 137 -11.04 -10.00 14.39
CA LEU A 137 -11.84 -10.96 13.66
C LEU A 137 -12.44 -12.00 14.59
N PHE A 138 -11.68 -12.41 15.61
CA PHE A 138 -12.21 -13.36 16.58
C PHE A 138 -13.27 -12.70 17.47
N VAL A 139 -13.07 -11.43 17.83
CA VAL A 139 -14.09 -10.71 18.62
C VAL A 139 -15.41 -10.67 17.86
N ASP A 140 -15.36 -10.30 16.56
CA ASP A 140 -16.56 -10.20 15.75
C ASP A 140 -17.26 -11.54 15.58
N ALA A 141 -16.52 -12.65 15.59
CA ALA A 141 -17.10 -13.97 15.52
C ALA A 141 -17.60 -14.47 16.87
N GLY A 142 -17.55 -13.65 17.91
CA GLY A 142 -18.11 -14.00 19.20
C GLY A 142 -17.15 -14.65 20.18
N TYR A 143 -15.84 -14.58 19.96
CA TYR A 143 -14.87 -15.18 20.87
C TYR A 143 -14.46 -14.21 21.97
N GLN A 144 -14.03 -14.78 23.10
CA GLN A 144 -13.23 -14.02 24.06
C GLN A 144 -11.78 -14.04 23.60
N THR A 145 -11.09 -12.92 23.76
CA THR A 145 -9.74 -12.81 23.23
C THR A 145 -8.83 -12.20 24.28
N PHE A 146 -7.60 -12.67 24.33
CA PHE A 146 -6.64 -12.14 25.28
C PHE A 146 -5.24 -12.37 24.75
N ASN A 147 -4.31 -11.57 25.28
CA ASN A 147 -2.89 -11.78 25.08
C ASN A 147 -2.21 -11.38 26.38
N ILE A 148 -1.73 -12.37 27.14
CA ILE A 148 -1.07 -12.12 28.40
C ILE A 148 0.42 -11.92 28.14
N GLY A 149 0.91 -10.74 28.48
CA GLY A 149 2.26 -10.33 28.14
C GLY A 149 2.29 -9.26 27.05
N LYS A 150 3.46 -9.08 26.47
CA LYS A 150 3.67 -7.94 25.59
C LYS A 150 2.90 -8.08 24.27
N ASP A 151 2.40 -6.96 23.79
CA ASP A 151 1.92 -6.81 22.42
C ASP A 151 3.12 -6.45 21.55
N ASP A 152 3.62 -5.21 21.71
CA ASP A 152 4.80 -4.69 21.02
C ASP A 152 4.51 -4.46 19.52
N TYR A 153 3.36 -3.84 19.23
CA TYR A 153 2.96 -3.56 17.85
C TYR A 153 3.38 -2.14 17.45
N ASN A 154 3.69 -1.97 16.17
CA ASN A 154 4.17 -0.67 15.69
C ASN A 154 3.05 0.17 15.11
N PHE A 155 1.91 0.22 15.79
CA PHE A 155 0.83 1.11 15.44
C PHE A 155 0.08 1.44 16.72
N LYS A 156 -0.77 2.46 16.63
CA LYS A 156 -1.59 2.86 17.77
C LYS A 156 -2.95 2.21 17.65
N TYR A 157 -3.50 1.81 18.79
CA TYR A 157 -4.74 1.04 18.74
C TYR A 157 -5.44 1.11 20.08
N ASP A 158 -6.76 0.96 20.04
CA ASP A 158 -7.59 0.75 21.21
C ASP A 158 -7.51 -0.73 21.59
N ARG A 159 -6.71 -1.05 22.61
CA ARG A 159 -6.48 -2.46 22.91
C ARG A 159 -7.77 -3.18 23.26
N SER A 160 -8.73 -2.49 23.85
CA SER A 160 -9.97 -3.13 24.25
C SER A 160 -10.72 -3.71 23.06
N LYS A 161 -10.47 -3.21 21.85
CA LYS A 161 -11.12 -3.74 20.65
C LYS A 161 -10.48 -5.05 20.16
N LEU A 162 -9.23 -5.30 20.52
CA LEU A 162 -8.56 -6.55 20.13
C LEU A 162 -8.76 -7.63 21.19
N TYR A 163 -8.59 -7.27 22.46
CA TYR A 163 -8.53 -8.23 23.56
C TYR A 163 -9.63 -7.87 24.54
N ASN A 164 -10.77 -8.58 24.46
CA ASN A 164 -11.93 -8.17 25.24
C ASN A 164 -12.07 -8.93 26.56
N ALA A 165 -11.15 -9.84 26.90
CA ALA A 165 -11.29 -10.66 28.10
C ALA A 165 -10.47 -10.18 29.28
N HIS A 166 -9.63 -9.18 29.10
CA HIS A 166 -8.80 -8.68 30.19
C HIS A 166 -8.28 -7.31 29.78
N GLU A 167 -7.62 -6.65 30.71
CA GLU A 167 -7.14 -5.29 30.46
C GLU A 167 -5.66 -5.23 30.14
N GLY A 168 -5.31 -4.15 29.42
CA GLY A 168 -3.93 -3.81 29.17
C GLY A 168 -3.30 -3.04 30.31
N LYS A 169 -1.98 -2.93 30.22
CA LYS A 169 -1.16 -2.16 31.13
C LYS A 169 0.07 -1.70 30.36
N ALA A 170 0.83 -0.79 30.97
CA ALA A 170 2.01 -0.22 30.32
C ALA A 170 3.09 -1.29 30.17
N GLY A 171 3.68 -1.36 28.97
CA GLY A 171 4.79 -2.26 28.72
C GLY A 171 6.09 -1.51 28.47
N PHE A 172 7.05 -2.22 27.86
CA PHE A 172 8.38 -1.69 27.60
C PHE A 172 8.41 -0.87 26.31
N GLN A 173 9.08 0.28 26.36
CA GLN A 173 9.32 1.12 25.18
C GLN A 173 8.05 1.33 24.35
N GLY A 174 6.99 1.79 25.01
CA GLY A 174 5.79 2.20 24.32
C GLY A 174 4.79 1.10 24.06
N ALA A 175 5.11 -0.15 24.37
CA ALA A 175 4.22 -1.27 24.10
C ALA A 175 3.09 -1.33 25.13
N HIS A 176 1.92 -1.85 24.70
CA HIS A 176 0.95 -2.34 25.66
C HIS A 176 1.33 -3.76 26.07
N ASP A 177 1.04 -4.10 27.31
CA ASP A 177 1.08 -5.46 27.81
C ASP A 177 -0.32 -5.87 28.25
N GLY A 178 -0.65 -7.15 28.09
CA GLY A 178 -1.88 -7.68 28.64
C GLY A 178 -1.66 -8.20 30.06
N THR A 179 -2.61 -7.91 30.93
CA THR A 179 -2.49 -8.29 32.33
C THR A 179 -2.70 -9.81 32.50
N LYS A 180 -2.01 -10.37 33.49
CA LYS A 180 -2.23 -11.77 33.86
C LYS A 180 -3.62 -11.95 34.43
N PHE A 181 -4.25 -13.08 34.12
CA PHE A 181 -5.52 -13.42 34.76
C PHE A 181 -5.72 -14.92 34.63
N ASP A 182 -6.72 -15.42 35.35
CA ASP A 182 -7.01 -16.85 35.39
C ASP A 182 -7.80 -17.23 34.14
N TRP A 183 -7.12 -17.18 33.00
CA TRP A 183 -7.79 -17.39 31.72
C TRP A 183 -8.38 -18.79 31.64
N ALA A 184 -7.63 -19.79 32.12
CA ALA A 184 -8.06 -21.17 31.91
C ALA A 184 -9.32 -21.48 32.70
N ASN A 185 -9.48 -20.87 33.86
CA ASN A 185 -10.71 -21.05 34.61
C ASN A 185 -11.81 -20.12 34.10
N ASN A 186 -11.48 -18.83 33.89
CA ASN A 186 -12.48 -17.87 33.44
C ASN A 186 -13.10 -18.27 32.10
N LEU A 187 -12.33 -18.89 31.22
CA LEU A 187 -12.82 -19.13 29.87
C LEU A 187 -13.00 -20.61 29.56
N LYS A 188 -13.06 -21.47 30.59
CA LYS A 188 -13.20 -22.90 30.31
C LYS A 188 -14.51 -23.24 29.64
N ASN A 189 -15.51 -22.35 29.69
CA ASN A 189 -16.77 -22.54 28.98
C ASN A 189 -17.07 -21.44 27.96
N LYS A 190 -16.06 -20.69 27.55
CA LYS A 190 -16.26 -19.56 26.63
C LYS A 190 -15.22 -19.69 25.52
N PRO A 191 -15.63 -19.98 24.29
CA PRO A 191 -14.67 -20.08 23.18
C PRO A 191 -13.78 -18.87 23.16
N PHE A 192 -12.47 -19.11 23.03
CA PHE A 192 -11.53 -18.02 23.13
C PHE A 192 -10.41 -18.16 22.09
N PHE A 193 -9.79 -17.02 21.79
CA PHE A 193 -8.50 -16.95 21.10
C PHE A 193 -7.54 -16.24 22.04
N GLY A 194 -6.55 -16.95 22.55
CA GLY A 194 -5.63 -16.38 23.50
C GLY A 194 -4.18 -16.55 23.07
N GLN A 195 -3.34 -15.72 23.65
CA GLN A 195 -1.89 -15.80 23.50
C GLN A 195 -1.29 -15.72 24.89
N ILE A 196 -0.26 -16.53 25.13
CA ILE A 196 0.52 -16.49 26.35
C ILE A 196 1.96 -16.23 25.94
N GLN A 197 2.48 -15.07 26.36
CA GLN A 197 3.83 -14.63 26.00
C GLN A 197 4.82 -15.25 26.98
N LEU A 198 5.81 -15.95 26.47
CA LEU A 198 6.85 -16.56 27.28
C LEU A 198 8.21 -15.94 26.93
N LYS A 199 9.11 -15.93 27.91
CA LYS A 199 10.39 -15.25 27.74
C LYS A 199 11.36 -15.96 26.81
N GLY A 200 11.18 -17.26 26.55
CA GLY A 200 12.08 -18.00 25.68
C GLY A 200 13.56 -17.78 25.94
N GLY A 201 14.29 -17.33 24.93
CA GLY A 201 15.71 -17.09 25.07
C GLY A 201 16.09 -15.98 26.03
N LYS A 202 15.14 -15.15 26.46
CA LYS A 202 15.40 -14.06 27.40
C LYS A 202 15.33 -14.47 28.86
N HIS A 203 14.91 -15.71 29.15
CA HIS A 203 15.02 -16.24 30.51
C HIS A 203 16.46 -16.11 30.99
N HIS A 204 16.65 -15.69 32.24
CA HIS A 204 17.99 -15.73 32.81
C HIS A 204 18.02 -16.08 34.30
N ASN A 205 16.93 -16.62 34.86
CA ASN A 205 16.91 -17.14 36.23
C ASN A 205 17.04 -18.65 36.15
N PHE A 206 18.27 -19.14 36.30
CA PHE A 206 18.59 -20.56 36.18
C PHE A 206 18.85 -21.22 37.53
N ASN A 207 18.34 -20.65 38.62
CA ASN A 207 18.63 -21.16 39.94
C ASN A 207 17.77 -22.35 40.33
N GLY A 208 16.70 -22.63 39.58
CA GLY A 208 15.85 -23.77 39.91
C GLY A 208 16.58 -25.09 39.76
N LYS A 209 16.24 -26.04 40.64
CA LYS A 209 16.83 -27.38 40.60
C LYS A 209 16.52 -28.12 39.30
N ASP A 210 15.44 -27.74 38.61
CA ASP A 210 15.03 -28.39 37.37
C ASP A 210 15.96 -28.11 36.19
N VAL A 211 16.82 -27.10 36.29
CA VAL A 211 17.64 -26.67 35.16
C VAL A 211 18.99 -27.37 35.17
N PRO A 212 19.39 -28.06 34.10
CA PRO A 212 20.67 -28.76 34.12
C PRO A 212 21.84 -27.79 34.02
N GLN A 213 23.00 -28.30 34.42
CA GLN A 213 24.26 -27.62 34.16
C GLN A 213 24.63 -27.83 32.71
N VAL A 214 25.07 -26.77 32.04
CA VAL A 214 25.51 -26.83 30.66
C VAL A 214 26.88 -26.16 30.58
N ASP A 215 27.90 -26.95 30.29
CA ASP A 215 29.30 -26.52 30.31
C ASP A 215 29.61 -25.70 29.07
N PRO A 216 29.88 -24.40 29.21
CA PRO A 216 30.26 -23.58 28.04
C PRO A 216 31.45 -24.14 27.28
N ASP A 217 32.35 -24.86 27.96
CA ASP A 217 33.54 -25.40 27.32
C ASP A 217 33.22 -26.52 26.34
N LYS A 218 32.05 -27.16 26.46
CA LYS A 218 31.69 -28.21 25.53
C LYS A 218 30.69 -27.75 24.47
N MET A 219 30.47 -26.43 24.36
CA MET A 219 29.62 -25.90 23.33
C MET A 219 30.36 -25.86 22.00
N THR A 220 29.65 -26.23 20.93
CA THR A 220 30.18 -26.16 19.58
C THR A 220 29.59 -24.95 18.86
N LEU A 221 30.41 -23.90 18.64
CA LEU A 221 29.94 -22.69 17.99
C LEU A 221 30.07 -22.81 16.48
N PRO A 222 29.15 -22.18 15.73
CA PRO A 222 29.30 -22.14 14.27
C PRO A 222 30.53 -21.35 13.86
N ALA A 223 30.98 -21.61 12.63
CA ALA A 223 32.26 -21.09 12.17
C ALA A 223 32.30 -19.56 12.05
N TYR A 224 31.14 -18.89 11.92
CA TYR A 224 31.13 -17.45 11.75
C TYR A 224 31.13 -16.69 13.09
N TYR A 225 31.07 -17.40 14.21
CA TYR A 225 31.18 -16.76 15.51
C TYR A 225 32.59 -16.91 16.06
N ALA A 226 33.09 -15.86 16.71
CA ALA A 226 34.36 -15.93 17.41
C ALA A 226 34.22 -16.85 18.64
N ASP A 227 35.25 -17.66 18.88
CA ASP A 227 35.26 -18.54 20.05
C ASP A 227 35.75 -17.73 21.25
N THR A 228 34.82 -17.14 21.99
CA THR A 228 35.15 -16.33 23.15
C THR A 228 34.40 -16.86 24.37
N PRO A 229 34.88 -16.57 25.58
CA PRO A 229 34.17 -17.07 26.78
C PRO A 229 32.71 -16.65 26.85
N ALA A 230 32.42 -15.37 26.59
CA ALA A 230 31.05 -14.90 26.70
C ALA A 230 30.17 -15.44 25.58
N THR A 231 30.75 -15.75 24.41
CA THR A 231 29.96 -16.35 23.35
C THR A 231 29.61 -17.79 23.68
N ARG A 232 30.60 -18.56 24.15
CA ARG A 232 30.32 -19.91 24.63
CA ARG A 232 30.32 -19.91 24.63
C ARG A 232 29.28 -19.87 25.76
N ALA A 233 29.37 -18.87 26.65
CA ALA A 233 28.43 -18.77 27.77
C ALA A 233 26.99 -18.56 27.30
N GLU A 234 26.79 -17.73 26.26
CA GLU A 234 25.45 -17.53 25.73
C GLU A 234 24.93 -18.78 25.03
N TRP A 235 25.81 -19.54 24.39
CA TRP A 235 25.38 -20.79 23.77
C TRP A 235 24.84 -21.74 24.83
N ALA A 236 25.60 -21.95 25.90
CA ALA A 236 25.14 -22.78 26.99
C ALA A 236 23.84 -22.24 27.59
N LYS A 237 23.73 -20.91 27.73
CA LYS A 237 22.52 -20.36 28.34
C LYS A 237 21.31 -20.62 27.47
N HIS A 238 21.48 -20.58 26.15
CA HIS A 238 20.33 -20.80 25.30
C HIS A 238 19.81 -22.22 25.45
N TYR A 239 20.72 -23.20 25.63
CA TYR A 239 20.29 -24.55 25.94
C TYR A 239 19.50 -24.61 27.24
N LYS A 240 19.92 -23.86 28.26
CA LYS A 240 19.16 -23.83 29.50
C LYS A 240 17.76 -23.27 29.29
N THR A 241 17.61 -22.27 28.40
CA THR A 241 16.27 -21.73 28.17
C THR A 241 15.35 -22.73 27.48
N GLN A 242 15.91 -23.71 26.75
CA GLN A 242 15.07 -24.76 26.19
C GLN A 242 14.37 -25.54 27.30
N VAL A 243 15.10 -25.82 28.39
CA VAL A 243 14.48 -26.53 29.51
C VAL A 243 13.43 -25.66 30.18
N LEU A 244 13.68 -24.36 30.29
CA LEU A 244 12.67 -23.48 30.87
C LEU A 244 11.44 -23.39 29.99
N SER A 245 11.62 -23.35 28.66
CA SER A 245 10.45 -23.37 27.79
C SER A 245 9.74 -24.71 27.89
N ASP A 246 10.49 -25.80 28.09
CA ASP A 246 9.86 -27.11 28.24
C ASP A 246 9.00 -27.17 29.50
N ILE A 247 9.49 -26.62 30.61
CA ILE A 247 8.74 -26.59 31.86
C ILE A 247 7.46 -25.77 31.68
N GLU A 248 7.57 -24.61 31.03
CA GLU A 248 6.42 -23.74 30.90
C GLU A 248 5.37 -24.36 30.01
N LEU A 249 5.80 -25.05 28.95
CA LEU A 249 4.83 -25.73 28.10
C LEU A 249 4.03 -26.74 28.91
N GLY A 250 4.72 -27.54 29.72
CA GLY A 250 4.02 -28.52 30.55
C GLY A 250 3.03 -27.87 31.50
N GLN A 251 3.39 -26.72 32.06
CA GLN A 251 2.48 -26.00 32.94
C GLN A 251 1.22 -25.59 32.20
N ILE A 252 1.36 -25.06 30.99
CA ILE A 252 0.20 -24.61 30.24
C ILE A 252 -0.69 -25.78 29.85
N LEU A 253 -0.11 -26.87 29.36
CA LEU A 253 -0.92 -28.04 28.99
C LEU A 253 -1.69 -28.56 30.20
N LYS A 254 -1.05 -28.56 31.38
CA LYS A 254 -1.74 -28.98 32.60
C LYS A 254 -2.90 -28.06 32.94
N GLU A 255 -2.69 -26.74 32.85
CA GLU A 255 -3.79 -25.80 33.09
C GLU A 255 -4.97 -26.06 32.17
N LEU A 256 -4.69 -26.34 30.89
CA LEU A 256 -5.77 -26.65 29.97
C LEU A 256 -6.48 -27.94 30.37
N ASP A 257 -5.69 -28.98 30.69
CA ASP A 257 -6.28 -30.25 31.07
C ASP A 257 -7.07 -30.13 32.37
N ASP A 258 -6.52 -29.39 33.35
CA ASP A 258 -7.23 -29.16 34.60
C ASP A 258 -8.58 -28.47 34.40
N ASN A 259 -8.79 -27.80 33.26
CA ASN A 259 -10.04 -27.11 33.02
C ASN A 259 -10.82 -27.72 31.84
N ASN A 260 -10.46 -28.93 31.45
CA ASN A 260 -11.15 -29.71 30.43
C ASN A 260 -11.22 -28.99 29.08
N ILE A 261 -10.18 -28.22 28.76
CA ILE A 261 -10.04 -27.57 27.46
C ILE A 261 -8.75 -28.00 26.77
N LEU A 262 -8.20 -29.16 27.13
CA LEU A 262 -7.02 -29.65 26.41
C LEU A 262 -7.41 -30.17 25.03
N GLU A 263 -8.49 -30.95 24.94
CA GLU A 263 -8.82 -31.62 23.68
C GLU A 263 -9.40 -30.68 22.64
N ASN A 264 -10.13 -29.65 23.08
CA ASN A 264 -10.85 -28.78 22.15
C ASN A 264 -10.09 -27.49 21.83
N THR A 265 -8.80 -27.43 22.15
CA THR A 265 -8.00 -26.24 21.89
C THR A 265 -6.92 -26.57 20.85
N ALA A 266 -6.85 -25.76 19.79
CA ALA A 266 -5.74 -25.85 18.85
C ALA A 266 -4.63 -24.93 19.33
N ILE A 267 -3.47 -25.50 19.64
CA ILE A 267 -2.34 -24.73 20.15
C ILE A 267 -1.35 -24.49 19.03
N PHE A 268 -0.88 -23.24 18.90
CA PHE A 268 0.23 -22.88 18.03
C PHE A 268 1.39 -22.47 18.93
N TRP A 269 2.49 -23.22 18.86
CA TRP A 269 3.64 -23.08 19.75
C TRP A 269 4.80 -22.62 18.89
N PHE A 270 5.27 -21.39 19.11
CA PHE A 270 6.29 -20.84 18.22
C PHE A 270 6.98 -19.66 18.89
N SER A 271 8.11 -19.24 18.30
CA SER A 271 8.83 -18.06 18.77
C SER A 271 8.78 -16.94 17.72
N ASP A 272 9.10 -15.71 18.14
CA ASP A 272 8.99 -14.58 17.21
C ASP A 272 10.18 -14.47 16.28
N HIS A 273 11.34 -15.01 16.66
CA HIS A 273 12.56 -15.01 15.85
C HIS A 273 13.66 -15.74 16.63
N GLY A 274 14.87 -15.79 16.06
CA GLY A 274 15.96 -16.56 16.64
C GLY A 274 16.67 -15.90 17.82
N MET A 275 17.73 -16.58 18.28
CA MET A 275 18.34 -16.26 19.57
C MET A 275 19.26 -15.02 19.48
N LEU A 276 19.77 -14.61 20.65
CA LEU A 276 20.26 -13.24 20.85
C LEU A 276 21.64 -12.94 20.25
N LEU A 277 22.38 -13.93 19.74
CA LEU A 277 23.73 -13.66 19.26
C LEU A 277 23.69 -12.88 17.94
N LEU A 278 24.85 -12.33 17.54
CA LEU A 278 24.88 -11.21 16.60
C LEU A 278 24.48 -11.58 15.16
N ARG A 279 24.61 -12.84 14.75
CA ARG A 279 24.17 -13.22 13.40
C ARG A 279 22.89 -14.06 13.44
N HIS A 280 22.15 -14.03 14.57
CA HIS A 280 20.83 -14.64 14.66
C HIS A 280 19.82 -13.50 14.73
N LYS A 281 19.37 -13.10 15.92
CA LYS A 281 18.51 -11.94 16.11
C LYS A 281 19.05 -10.73 15.36
N GLN A 282 18.14 -10.01 14.69
CA GLN A 282 18.34 -8.81 13.90
C GLN A 282 18.81 -9.10 12.47
N GLU A 283 19.20 -10.33 12.12
CA GLU A 283 19.74 -10.58 10.80
C GLU A 283 18.95 -11.63 10.04
N LEU A 284 19.13 -11.65 8.72
CA LEU A 284 18.27 -12.41 7.82
C LEU A 284 18.89 -13.73 7.39
N TYR A 285 19.77 -14.30 8.22
CA TYR A 285 20.22 -15.66 7.96
C TYR A 285 19.20 -16.67 8.47
N GLU A 286 19.42 -17.91 8.10
CA GLU A 286 18.44 -18.97 8.31
C GLU A 286 17.93 -18.99 9.75
N ASP A 287 18.83 -19.03 10.71
CA ASP A 287 18.38 -19.20 12.10
C ASP A 287 18.00 -17.88 12.77
N GLY A 288 18.01 -16.76 12.02
CA GLY A 288 17.40 -15.52 12.49
C GLY A 288 15.88 -15.53 12.35
N VAL A 289 15.38 -16.12 11.25
CA VAL A 289 13.96 -16.04 10.94
C VAL A 289 13.24 -17.38 11.00
N LYS A 290 13.95 -18.51 10.88
CA LYS A 290 13.30 -19.81 10.99
C LYS A 290 13.10 -20.17 12.45
N VAL A 291 11.85 -20.44 12.84
CA VAL A 291 11.52 -20.58 14.25
C VAL A 291 10.90 -21.96 14.46
N PRO A 292 10.91 -22.45 15.70
CA PRO A 292 10.09 -23.64 16.04
C PRO A 292 8.62 -23.35 15.78
N LEU A 293 7.89 -24.37 15.35
CA LEU A 293 6.43 -24.28 15.27
C LEU A 293 5.87 -25.68 15.42
N ILE A 294 5.03 -25.88 16.42
CA ILE A 294 4.24 -27.08 16.59
C ILE A 294 2.79 -26.64 16.67
N ILE A 295 1.91 -27.35 15.98
CA ILE A 295 0.47 -27.14 16.07
C ILE A 295 -0.16 -28.43 16.59
N SER A 296 -1.00 -28.31 17.62
CA SER A 296 -1.59 -29.47 18.28
C SER A 296 -3.05 -29.20 18.59
N TRP A 297 -3.94 -30.10 18.12
CA TRP A 297 -5.36 -30.03 18.44
C TRP A 297 -5.82 -31.46 18.68
N PRO A 298 -5.81 -31.90 19.93
CA PRO A 298 -5.95 -33.35 20.20
C PRO A 298 -7.22 -33.97 19.64
N ALA A 299 -8.36 -33.29 19.71
CA ALA A 299 -9.58 -33.88 19.17
C ALA A 299 -9.57 -33.91 17.65
N GLY A 300 -8.71 -33.14 17.00
CA GLY A 300 -8.62 -33.17 15.54
C GLY A 300 -7.30 -33.74 15.07
N LYS A 301 -6.65 -34.52 15.93
CA LYS A 301 -5.25 -34.87 15.71
C LYS A 301 -5.05 -35.60 14.38
N GLU A 302 -5.96 -36.53 14.05
CA GLU A 302 -5.83 -37.24 12.77
C GLU A 302 -6.05 -36.32 11.60
N LEU A 303 -6.91 -35.30 11.74
CA LEU A 303 -7.13 -34.36 10.64
C LEU A 303 -5.88 -33.53 10.37
N LEU A 304 -5.27 -32.98 11.43
CA LEU A 304 -4.10 -32.12 11.23
C LEU A 304 -2.94 -32.91 10.63
N LYS A 305 -2.76 -34.17 11.05
CA LYS A 305 -1.65 -35.01 10.62
C LYS A 305 -1.79 -35.51 9.19
N SER A 306 -2.95 -35.30 8.55
CA SER A 306 -3.22 -35.88 7.23
C SER A 306 -2.12 -35.58 6.23
N LYS A 307 -1.62 -34.36 6.20
CA LYS A 307 -0.54 -34.07 5.26
C LYS A 307 0.83 -34.40 5.82
N GLY A 308 0.92 -34.98 7.01
CA GLY A 308 2.19 -35.36 7.59
C GLY A 308 2.38 -34.79 8.99
N ALA A 309 2.84 -35.62 9.94
CA ALA A 309 3.09 -35.16 11.30
C ALA A 309 4.35 -34.32 11.40
N VAL A 310 5.24 -34.44 10.44
CA VAL A 310 6.41 -33.58 10.29
C VAL A 310 6.28 -32.90 8.93
N ARG A 311 6.22 -31.57 8.92
CA ARG A 311 5.98 -30.80 7.70
C ARG A 311 7.24 -30.01 7.33
N ASN A 312 7.87 -30.39 6.21
CA ASN A 312 9.08 -29.73 5.73
C ASN A 312 8.82 -28.72 4.64
N ASP A 313 7.57 -28.52 4.24
CA ASP A 313 7.31 -27.54 3.20
C ASP A 313 7.50 -26.11 3.74
N LEU A 314 7.76 -25.18 2.82
CA LEU A 314 7.97 -23.79 3.19
C LEU A 314 6.66 -23.15 3.63
N ILE A 315 6.64 -22.59 4.84
CA ILE A 315 5.52 -21.76 5.28
C ILE A 315 6.09 -20.47 5.88
N SER A 316 5.24 -19.44 5.91
CA SER A 316 5.60 -18.17 6.51
C SER A 316 4.94 -18.07 7.90
N GLY A 317 5.56 -17.27 8.77
CA GLY A 317 4.89 -16.94 10.02
C GLY A 317 3.50 -16.36 9.82
N LEU A 318 3.29 -15.66 8.70
CA LEU A 318 1.97 -15.14 8.33
C LEU A 318 0.93 -16.22 8.13
N ASP A 319 1.35 -17.47 7.88
CA ASP A 319 0.37 -18.55 7.78
C ASP A 319 -0.20 -18.94 9.14
N ILE A 320 0.45 -18.54 10.22
CA ILE A 320 -0.06 -18.87 11.56
C ILE A 320 -1.42 -18.19 11.80
N PRO A 321 -1.55 -16.86 11.66
CA PRO A 321 -2.88 -16.27 11.88
C PRO A 321 -3.92 -16.76 10.88
N ALA A 322 -3.52 -17.00 9.63
CA ALA A 322 -4.46 -17.48 8.63
C ALA A 322 -4.95 -18.88 8.96
N THR A 323 -4.03 -19.76 9.39
CA THR A 323 -4.43 -21.12 9.77
C THR A 323 -5.28 -21.09 11.03
N SER A 324 -5.00 -20.14 11.95
CA SER A 324 -5.81 -20.04 13.15
C SER A 324 -7.24 -19.65 12.82
N LEU A 325 -7.40 -18.74 11.87
CA LEU A 325 -8.73 -18.32 11.46
C LEU A 325 -9.46 -19.48 10.79
N ALA A 326 -8.79 -20.17 9.86
CA ALA A 326 -9.43 -21.24 9.12
C ALA A 326 -9.86 -22.38 10.04
N LEU A 327 -9.03 -22.73 11.02
CA LEU A 327 -9.40 -23.81 11.92
C LEU A 327 -10.64 -23.45 12.71
N ALA A 328 -10.76 -22.17 13.10
CA ALA A 328 -11.90 -21.68 13.86
C ALA A 328 -13.12 -21.44 12.99
N GLY A 329 -13.01 -21.55 11.67
CA GLY A 329 -14.15 -21.32 10.80
C GLY A 329 -14.39 -19.89 10.42
N ILE A 330 -13.40 -19.01 10.52
CA ILE A 330 -13.53 -17.60 10.20
C ILE A 330 -12.84 -17.35 8.86
N ASP A 331 -13.54 -16.67 7.95
CA ASP A 331 -12.94 -16.31 6.67
C ASP A 331 -11.66 -15.49 6.87
N ILE A 332 -10.66 -15.82 6.07
CA ILE A 332 -9.41 -15.08 5.99
C ILE A 332 -9.64 -13.88 5.07
N PRO A 333 -9.45 -12.65 5.53
CA PRO A 333 -9.67 -11.50 4.66
C PRO A 333 -8.82 -11.58 3.39
N SER A 334 -9.35 -10.99 2.31
CA SER A 334 -8.65 -11.06 1.03
C SER A 334 -7.28 -10.42 1.10
N TYR A 335 -7.09 -9.43 1.98
CA TYR A 335 -5.82 -8.73 2.03
C TYR A 335 -4.79 -9.39 2.95
N TYR A 336 -5.18 -10.44 3.67
CA TYR A 336 -4.18 -11.18 4.44
C TYR A 336 -3.26 -11.93 3.52
N ASP A 337 -2.01 -12.09 3.94
CA ASP A 337 -1.03 -12.80 3.11
C ASP A 337 -0.95 -14.30 3.40
N GLY A 338 -1.42 -14.75 4.56
CA GLY A 338 -1.22 -16.13 4.95
C GLY A 338 -2.25 -17.09 4.38
N LYS A 339 -1.93 -18.37 4.45
CA LYS A 339 -2.81 -19.44 4.00
C LYS A 339 -3.01 -20.46 5.12
N ASN A 340 -4.07 -21.25 4.98
CA ASN A 340 -4.33 -22.37 5.88
C ASN A 340 -3.39 -23.51 5.50
N VAL A 341 -2.38 -23.79 6.33
CA VAL A 341 -1.41 -24.82 5.96
C VAL A 341 -2.00 -26.22 5.98
N PHE A 342 -3.22 -26.37 6.48
CA PHE A 342 -3.91 -27.65 6.48
C PHE A 342 -4.97 -27.77 5.38
N SER A 343 -5.10 -26.79 4.50
CA SER A 343 -6.10 -26.90 3.43
C SER A 343 -5.66 -27.96 2.41
N GLU A 344 -6.65 -28.62 1.80
CA GLU A 344 -6.32 -29.64 0.81
C GLU A 344 -5.50 -29.05 -0.33
N GLU A 345 -5.75 -27.78 -0.67
CA GLU A 345 -5.03 -27.13 -1.76
C GLU A 345 -3.60 -26.71 -1.39
N PHE A 346 -3.30 -26.49 -0.11
CA PHE A 346 -1.99 -25.95 0.24
C PHE A 346 -0.90 -27.02 0.09
N SER A 347 0.10 -26.74 -0.73
CA SER A 347 1.20 -27.68 -0.98
C SER A 347 2.56 -27.06 -0.69
N GLY A 348 2.62 -26.04 0.16
CA GLY A 348 3.89 -25.41 0.43
C GLY A 348 4.14 -24.20 -0.42
N ARG A 349 4.74 -23.17 0.17
CA ARG A 349 5.06 -21.97 -0.61
C ARG A 349 6.24 -22.24 -1.54
N ASP A 350 6.23 -21.59 -2.70
CA ASP A 350 7.40 -21.63 -3.57
C ASP A 350 8.57 -20.81 -2.99
N TYR A 351 8.29 -19.84 -2.12
CA TYR A 351 9.33 -19.03 -1.50
C TYR A 351 8.71 -18.34 -0.30
N VAL A 352 9.57 -17.88 0.60
CA VAL A 352 9.11 -17.10 1.76
C VAL A 352 10.00 -15.88 1.88
N ILE A 353 9.37 -14.74 2.13
CA ILE A 353 10.08 -13.46 2.25
C ILE A 353 10.26 -13.13 3.72
N SER A 354 11.45 -12.63 4.06
CA SER A 354 11.66 -11.95 5.33
C SER A 354 12.32 -10.61 5.08
N ALA A 355 12.11 -9.69 6.02
CA ALA A 355 12.55 -8.30 5.84
C ALA A 355 13.14 -7.78 7.14
N LYS A 356 14.23 -7.05 7.05
CA LYS A 356 14.76 -6.32 8.19
C LYS A 356 14.85 -4.84 7.82
N ASP A 357 14.43 -4.00 8.75
CA ASP A 357 14.50 -2.55 8.54
C ASP A 357 15.17 -1.93 9.76
N ARG A 358 14.76 -0.74 10.20
CA ARG A 358 15.43 -0.15 11.35
C ARG A 358 15.29 -1.03 12.60
N MET A 359 16.33 -1.09 13.40
CA MET A 359 16.30 -1.78 14.70
C MET A 359 16.91 -0.86 15.76
N ASP A 360 16.07 -0.37 16.66
CA ASP A 360 16.45 0.66 17.64
C ASP A 360 17.02 1.85 16.89
N TYR A 361 18.31 2.17 17.03
CA TYR A 361 18.90 3.30 16.32
C TYR A 361 19.74 2.86 15.11
N THR A 362 19.68 1.59 14.74
CA THR A 362 20.44 1.06 13.60
C THR A 362 19.56 1.10 12.36
N PHE A 363 19.80 2.09 11.49
CA PHE A 363 19.03 2.24 10.26
C PHE A 363 19.68 1.37 9.19
N ASP A 364 18.91 0.45 8.63
CA ASP A 364 19.38 -0.43 7.57
C ASP A 364 18.16 -1.05 6.93
N ARG A 365 18.37 -1.70 5.79
CA ARG A 365 17.26 -2.32 5.06
C ARG A 365 17.80 -3.49 4.28
N ALA A 366 17.18 -4.66 4.48
CA ALA A 366 17.59 -5.84 3.75
C ALA A 366 16.39 -6.76 3.59
N ARG A 367 16.40 -7.52 2.51
CA ARG A 367 15.31 -8.43 2.19
C ARG A 367 15.90 -9.76 1.82
N SER A 368 15.23 -10.83 2.22
CA SER A 368 15.66 -12.19 1.88
C SER A 368 14.52 -12.96 1.21
N VAL A 369 14.91 -13.83 0.29
CA VAL A 369 14.03 -14.77 -0.40
C VAL A 369 14.55 -16.17 -0.09
N ARG A 370 13.70 -16.99 0.50
CA ARG A 370 14.06 -18.37 0.82
C ARG A 370 13.29 -19.28 -0.12
N THR A 371 14.03 -20.02 -0.95
CA THR A 371 13.40 -21.04 -1.78
C THR A 371 13.72 -22.42 -1.18
N GLU A 372 13.35 -23.49 -1.91
CA GLU A 372 13.58 -24.84 -1.40
C GLU A 372 15.05 -25.08 -1.10
N LYS A 373 15.95 -24.59 -1.96
CA LYS A 373 17.38 -24.89 -1.87
C LYS A 373 18.25 -23.71 -1.46
N TYR A 374 17.79 -22.47 -1.64
CA TYR A 374 18.66 -21.31 -1.49
C TYR A 374 18.07 -20.29 -0.53
N ARG A 375 18.96 -19.53 0.12
CA ARG A 375 18.61 -18.28 0.74
C ARG A 375 19.33 -17.16 0.01
N TYR A 376 18.57 -16.16 -0.44
CA TYR A 376 19.06 -14.96 -1.10
C TYR A 376 18.81 -13.77 -0.18
N ILE A 377 19.81 -12.90 -0.06
CA ILE A 377 19.67 -11.66 0.69
C ILE A 377 20.07 -10.49 -0.21
N ARG A 378 19.20 -9.50 -0.30
CA ARG A 378 19.50 -8.24 -0.98
C ARG A 378 19.80 -7.20 0.09
N GLN A 379 20.96 -6.56 -0.03
CA GLN A 379 21.42 -5.57 0.96
C GLN A 379 21.25 -4.18 0.37
N TYR A 380 20.33 -3.39 0.92
CA TYR A 380 20.11 -2.06 0.37
C TYR A 380 21.05 -1.00 0.93
N HIS A 381 21.86 -1.32 1.94
CA HIS A 381 22.89 -0.41 2.44
C HIS A 381 24.22 -1.14 2.53
N PRO A 382 24.79 -1.50 1.38
CA PRO A 382 26.12 -2.13 1.39
C PRO A 382 27.22 -1.24 1.95
N GLU A 383 27.01 0.08 1.97
CA GLU A 383 28.00 1.00 2.51
C GLU A 383 28.07 1.00 4.02
N LEU A 384 27.11 0.36 4.69
CA LEU A 384 27.09 0.29 6.14
C LEU A 384 27.58 -1.10 6.55
N SER A 385 28.47 -1.14 7.53
CA SER A 385 29.01 -2.42 7.95
C SER A 385 27.95 -3.21 8.71
N SER A 386 28.02 -4.54 8.59
CA SER A 386 27.10 -5.33 9.41
C SER A 386 27.39 -5.18 10.89
N ALA A 387 28.58 -4.71 11.25
CA ALA A 387 28.91 -4.47 12.65
C ALA A 387 28.74 -3.00 13.06
N GLN A 388 27.98 -2.23 12.30
CA GLN A 388 27.63 -0.86 12.66
C GLN A 388 27.01 -0.79 14.06
N PRO A 389 27.06 0.37 14.72
CA PRO A 389 26.57 0.48 16.11
C PRO A 389 25.13 -0.04 16.27
N GLN A 390 24.90 -0.74 17.39
CA GLN A 390 23.62 -1.39 17.65
C GLN A 390 23.52 -1.62 19.16
N TYR A 391 22.33 -2.04 19.59
CA TYR A 391 22.02 -2.08 21.03
C TYR A 391 22.83 -3.13 21.80
N ARG A 392 23.39 -4.13 21.13
CA ARG A 392 24.18 -5.16 21.78
C ARG A 392 25.66 -4.80 21.96
N ASP A 393 26.01 -3.54 21.70
CA ASP A 393 27.43 -3.15 21.60
C ASP A 393 28.16 -3.27 22.93
N LYS A 394 27.46 -3.19 24.05
CA LYS A 394 28.11 -3.28 25.34
C LYS A 394 28.00 -4.67 25.96
N LYS A 395 27.41 -5.63 25.26
CA LYS A 395 27.42 -7.00 25.77
C LYS A 395 28.83 -7.58 25.62
N GLN A 396 29.26 -8.35 26.61
CA GLN A 396 30.61 -8.90 26.60
C GLN A 396 30.83 -9.81 25.38
N TYR A 397 29.83 -10.59 25.00
CA TYR A 397 30.01 -11.44 23.83
C TYR A 397 30.27 -10.61 22.58
N SER A 398 29.72 -9.38 22.54
CA SER A 398 29.97 -8.55 21.37
C SER A 398 31.32 -7.86 21.48
N ILE A 399 31.67 -7.37 22.67
CA ILE A 399 32.96 -6.72 22.86
C ILE A 399 34.09 -7.69 22.60
N GLU A 400 34.01 -8.90 23.17
CA GLU A 400 35.10 -9.88 23.03
C GLU A 400 35.35 -10.22 21.58
N ALA A 401 34.27 -10.43 20.80
CA ALA A 401 34.41 -10.74 19.38
C ALA A 401 35.00 -9.58 18.59
N ARG A 402 34.57 -8.35 18.88
CA ARG A 402 35.12 -7.20 18.16
C ARG A 402 36.58 -6.95 18.54
N ALA A 403 36.93 -7.21 19.80
CA ALA A 403 38.32 -7.13 20.22
C ALA A 403 39.19 -8.07 19.39
N LEU A 404 38.75 -9.32 19.22
CA LEU A 404 39.51 -10.25 18.40
C LEU A 404 39.62 -9.76 16.97
N TYR A 405 38.57 -9.14 16.45
CA TYR A 405 38.64 -8.55 15.11
C TYR A 405 39.74 -7.50 15.04
N GLU A 406 39.74 -6.56 16.00
CA GLU A 406 40.69 -5.46 15.97
C GLU A 406 42.13 -5.96 16.08
N GLU A 407 42.33 -7.05 16.80
CA GLU A 407 43.65 -7.64 16.97
C GLU A 407 44.07 -8.52 15.81
N GLY A 408 43.26 -8.60 14.76
CA GLY A 408 43.63 -9.43 13.63
C GLY A 408 43.59 -10.92 13.89
N LYS A 409 42.80 -11.37 14.85
CA LYS A 409 42.80 -12.77 15.24
C LYS A 409 41.58 -13.56 14.73
N LEU A 410 40.69 -12.95 13.94
CA LEU A 410 39.55 -13.67 13.40
C LEU A 410 39.91 -14.34 12.08
N THR A 411 39.30 -15.51 11.84
CA THR A 411 39.37 -16.12 10.51
C THR A 411 38.63 -15.25 9.51
N PRO A 412 38.87 -15.44 8.21
CA PRO A 412 38.09 -14.69 7.22
C PRO A 412 36.58 -14.91 7.33
N VAL A 413 36.14 -16.13 7.71
CA VAL A 413 34.71 -16.36 7.91
C VAL A 413 34.19 -15.57 9.10
N GLN A 414 34.98 -15.49 10.18
CA GLN A 414 34.55 -14.71 11.34
C GLN A 414 34.62 -13.21 11.07
N ALA A 415 35.60 -12.77 10.26
CA ALA A 415 35.87 -11.36 10.05
C ALA A 415 34.91 -10.70 9.06
N ALA A 416 34.21 -11.49 8.24
CA ALA A 416 33.30 -10.94 7.22
C ALA A 416 32.27 -9.99 7.81
N TYR A 417 31.69 -10.37 8.96
CA TYR A 417 30.70 -9.54 9.63
C TYR A 417 31.25 -8.15 9.94
N TYR A 418 32.54 -8.06 10.27
CA TYR A 418 33.18 -6.81 10.68
C TYR A 418 33.75 -6.01 9.51
N SER A 419 33.60 -6.47 8.27
CA SER A 419 34.13 -5.69 7.16
C SER A 419 33.35 -4.37 7.00
N PRO A 420 34.01 -3.33 6.46
CA PRO A 420 33.34 -2.02 6.40
C PRO A 420 32.17 -1.96 5.42
N THR A 421 32.06 -2.90 4.48
CA THR A 421 30.95 -2.90 3.54
C THR A 421 30.29 -4.27 3.49
N LYS A 422 29.07 -4.29 2.98
CA LYS A 422 28.38 -5.54 2.71
C LYS A 422 28.34 -5.79 1.20
N PRO A 423 28.26 -7.05 0.77
CA PRO A 423 27.91 -7.32 -0.62
C PRO A 423 26.50 -6.83 -0.92
N VAL A 424 26.27 -6.49 -2.18
CA VAL A 424 24.93 -6.02 -2.56
C VAL A 424 23.92 -7.18 -2.54
N GLU A 425 24.37 -8.40 -2.89
CA GLU A 425 23.50 -9.57 -2.88
C GLU A 425 24.28 -10.75 -2.31
N GLU A 426 23.59 -11.58 -1.54
CA GLU A 426 24.14 -12.83 -1.02
C GLU A 426 23.25 -13.97 -1.47
N LEU A 427 23.86 -15.11 -1.79
CA LEU A 427 23.12 -16.30 -2.18
C LEU A 427 23.84 -17.51 -1.59
N TYR A 428 23.08 -18.37 -0.90
CA TYR A 428 23.65 -19.51 -0.20
C TYR A 428 22.90 -20.79 -0.60
N ASP A 429 23.67 -21.82 -0.95
CA ASP A 429 23.14 -23.16 -1.14
C ASP A 429 23.06 -23.82 0.24
N LEU A 430 21.84 -24.01 0.74
CA LEU A 430 21.68 -24.43 2.14
C LEU A 430 21.98 -25.91 2.36
N GLN A 431 21.88 -26.75 1.33
CA GLN A 431 22.25 -28.15 1.53
C GLN A 431 23.76 -28.29 1.60
N SER A 432 24.48 -27.54 0.77
CA SER A 432 25.94 -27.57 0.74
C SER A 432 26.57 -26.68 1.81
N ASP A 433 25.89 -25.60 2.22
CA ASP A 433 26.48 -24.55 3.04
C ASP A 433 25.44 -24.10 4.06
N PRO A 434 25.08 -24.98 5.00
CA PRO A 434 24.01 -24.63 5.95
C PRO A 434 24.38 -23.46 6.85
N ASP A 435 25.67 -23.24 7.09
CA ASP A 435 26.06 -22.10 7.91
C ASP A 435 26.09 -20.80 7.12
N GLN A 436 25.81 -20.85 5.82
CA GLN A 436 25.79 -19.66 4.97
C GLN A 436 27.07 -18.85 5.15
N ILE A 437 28.19 -19.49 4.82
CA ILE A 437 29.49 -18.83 4.85
C ILE A 437 30.17 -18.78 3.49
N LYS A 438 29.53 -19.26 2.42
CA LYS A 438 30.11 -19.19 1.07
C LYS A 438 29.11 -18.50 0.13
N ASN A 439 29.25 -17.19 -0.02
CA ASN A 439 28.38 -16.41 -0.91
C ASN A 439 28.62 -16.83 -2.35
N LEU A 440 27.56 -17.26 -3.04
CA LEU A 440 27.65 -17.71 -4.42
C LEU A 440 27.30 -16.64 -5.43
N ALA A 441 27.00 -15.41 -4.98
CA ALA A 441 26.37 -14.43 -5.86
C ALA A 441 27.29 -13.98 -6.99
N ALA A 442 28.60 -14.06 -6.81
CA ALA A 442 29.55 -13.63 -7.84
C ALA A 442 30.06 -14.79 -8.69
N LEU A 443 29.50 -16.00 -8.55
CA LEU A 443 29.94 -17.15 -9.31
C LEU A 443 29.06 -17.37 -10.53
N PRO A 444 29.63 -17.40 -11.74
CA PRO A 444 28.78 -17.56 -12.94
C PRO A 444 27.92 -18.81 -12.95
N LYS A 445 28.35 -19.89 -12.28
CA LYS A 445 27.51 -21.08 -12.23
C LYS A 445 26.15 -20.82 -11.57
N TYR A 446 26.06 -19.80 -10.73
CA TYR A 446 24.86 -19.53 -9.96
C TYR A 446 24.14 -18.27 -10.42
N LYS A 447 24.47 -17.74 -11.59
CA LYS A 447 23.84 -16.49 -12.04
C LYS A 447 22.36 -16.69 -12.32
N LYS A 448 21.97 -17.85 -12.85
CA LYS A 448 20.56 -18.10 -13.15
C LYS A 448 19.71 -18.13 -11.89
N GLU A 449 20.22 -18.79 -10.84
CA GLU A 449 19.52 -18.77 -9.56
C GLU A 449 19.52 -17.37 -8.95
N LEU A 450 20.64 -16.65 -9.03
CA LEU A 450 20.69 -15.30 -8.51
C LEU A 450 19.62 -14.42 -9.13
N LEU A 451 19.53 -14.45 -10.47
CA LEU A 451 18.53 -13.64 -11.15
C LEU A 451 17.13 -14.08 -10.79
N ARG A 452 16.91 -15.39 -10.65
CA ARG A 452 15.60 -15.91 -10.30
C ARG A 452 15.16 -15.38 -8.94
N HIS A 453 16.07 -15.42 -7.95
CA HIS A 453 15.72 -14.92 -6.63
C HIS A 453 15.55 -13.40 -6.63
N ARG A 454 16.43 -12.70 -7.36
CA ARG A 454 16.34 -11.25 -7.47
C ARG A 454 14.98 -10.82 -7.99
N GLN A 455 14.45 -11.54 -8.99
CA GLN A 455 13.16 -11.15 -9.55
C GLN A 455 12.01 -11.51 -8.62
N ILE A 456 12.13 -12.59 -7.84
CA ILE A 456 11.10 -12.88 -6.84
C ILE A 456 10.97 -11.72 -5.88
N LEU A 457 12.09 -11.16 -5.43
CA LEU A 457 12.02 -10.00 -4.56
C LEU A 457 11.36 -8.81 -5.26
N LEU A 458 11.73 -8.53 -6.51
CA LEU A 458 11.13 -7.43 -7.24
C LEU A 458 9.62 -7.60 -7.41
N ASP A 459 9.15 -8.82 -7.74
CA ASP A 459 7.71 -9.06 -7.83
C ASP A 459 7.02 -8.69 -6.52
N TRP A 460 7.64 -9.02 -5.40
CA TRP A 460 7.03 -8.82 -4.10
C TRP A 460 7.03 -7.33 -3.74
N ILE A 461 8.12 -6.63 -4.06
CA ILE A 461 8.15 -5.19 -3.81
C ILE A 461 7.09 -4.48 -4.64
N ALA A 462 6.96 -4.86 -5.91
CA ALA A 462 6.00 -4.21 -6.79
C ALA A 462 4.57 -4.46 -6.32
N LYS A 463 4.27 -5.67 -5.87
CA LYS A 463 2.89 -5.95 -5.52
C LYS A 463 2.52 -5.46 -4.13
N THR A 464 3.49 -5.28 -3.22
CA THR A 464 3.18 -4.81 -1.88
C THR A 464 3.49 -3.34 -1.65
N ASP A 465 4.28 -2.72 -2.54
CA ASP A 465 4.80 -1.38 -2.31
C ASP A 465 5.50 -1.29 -0.94
N ASP A 466 6.41 -2.24 -0.70
CA ASP A 466 7.33 -2.30 0.45
C ASP A 466 7.62 -0.90 0.99
N LYS A 467 7.04 -0.55 2.15
CA LYS A 467 7.20 0.81 2.67
C LYS A 467 8.61 1.09 3.20
N GLY A 468 9.44 0.05 3.35
CA GLY A 468 10.84 0.29 3.67
C GLY A 468 11.63 0.98 2.58
N ALA A 469 11.04 1.13 1.39
CA ALA A 469 11.69 1.92 0.35
C ALA A 469 11.73 3.41 0.68
N TYR A 470 10.89 3.89 1.62
CA TYR A 470 10.67 5.30 1.90
C TYR A 470 11.32 5.71 3.22
N PRO A 471 11.99 6.86 3.26
CA PRO A 471 12.60 7.33 4.52
C PRO A 471 11.56 7.59 5.59
N GLU A 472 11.93 7.38 6.84
CA GLU A 472 11.03 7.69 7.95
C GLU A 472 10.91 9.21 8.10
N SER A 473 9.73 9.64 8.55
CA SER A 473 9.43 11.04 8.83
C SER A 473 10.34 11.61 9.91
N GLU A 474 10.44 12.95 9.91
CA GLU A 474 11.21 13.65 10.94
C GLU A 474 10.64 13.41 12.33
N ARG A 475 9.32 13.30 12.46
CA ARG A 475 8.73 12.93 13.76
C ARG A 475 9.15 11.51 14.15
N ALA A 476 9.22 10.60 13.19
CA ALA A 476 9.65 9.24 13.51
C ALA A 476 11.11 9.20 13.94
N VAL A 477 11.96 9.99 13.29
CA VAL A 477 13.36 10.06 13.70
C VAL A 477 13.47 10.64 15.10
N LYS A 478 12.65 11.64 15.42
CA LYS A 478 12.74 12.25 16.75
C LYS A 478 12.40 11.24 17.84
N GLU A 479 11.48 10.31 17.54
CA GLU A 479 11.16 9.25 18.49
C GLU A 479 12.37 8.36 18.76
N VAL A 480 13.15 8.03 17.74
CA VAL A 480 14.42 7.31 17.98
C VAL A 480 15.30 8.13 18.92
N LEU A 481 15.40 9.43 18.69
CA LEU A 481 16.29 10.28 19.49
C LEU A 481 15.80 10.41 20.93
N ASP A 482 14.48 10.48 21.14
CA ASP A 482 13.96 10.47 22.51
C ASP A 482 14.44 9.25 23.29
N ILE A 483 14.39 8.07 22.64
CA ILE A 483 14.67 6.82 23.33
C ILE A 483 16.17 6.58 23.47
N TRP A 484 16.94 6.91 22.44
CA TRP A 484 18.34 6.51 22.38
C TRP A 484 19.33 7.67 22.41
N GLY A 485 18.87 8.90 22.16
CA GLY A 485 19.73 10.07 22.26
C GLY A 485 21.02 9.94 21.47
N LYS A 486 22.14 10.19 22.14
CA LYS A 486 23.41 10.24 21.42
C LYS A 486 23.87 8.86 20.95
N ASN A 487 23.22 7.78 21.38
CA ASN A 487 23.53 6.48 20.79
C ASN A 487 23.25 6.45 19.29
N CYS A 488 22.25 7.22 18.81
CA CYS A 488 21.99 7.22 17.37
C CYS A 488 23.07 8.01 16.64
N VAL A 489 23.78 7.36 15.73
CA VAL A 489 24.80 7.98 14.91
C VAL A 489 24.52 7.81 13.43
N SER A 490 23.33 7.35 13.07
CA SER A 490 22.99 7.11 11.67
C SER A 490 23.02 8.41 10.86
N THR A 491 23.08 8.27 9.54
CA THR A 491 22.99 9.45 8.69
C THR A 491 21.65 10.16 8.91
N GLN A 492 20.57 9.40 9.11
CA GLN A 492 19.26 10.02 9.36
C GLN A 492 19.27 10.84 10.64
N CYS A 493 19.88 10.33 11.70
CA CYS A 493 19.88 11.07 12.96
C CYS A 493 20.81 12.27 12.89
N GLU A 494 21.97 12.14 12.25
CA GLU A 494 22.87 13.28 12.11
C GLU A 494 22.22 14.39 11.29
N SER A 495 21.54 14.01 10.21
CA SER A 495 20.81 15.01 9.42
C SER A 495 19.67 15.64 10.21
N TYR A 496 18.94 14.84 10.99
CA TYR A 496 17.88 15.42 11.82
C TYR A 496 18.45 16.48 12.77
N ARG A 497 19.55 16.16 13.46
CA ARG A 497 20.15 17.12 14.37
C ARG A 497 20.63 18.37 13.63
N LEU A 498 21.22 18.18 12.46
CA LEU A 498 21.68 19.33 11.68
C LEU A 498 20.52 20.26 11.35
N HIS A 499 19.33 19.71 11.11
CA HIS A 499 18.14 20.48 10.77
C HIS A 499 17.37 20.97 11.99
N HIS A 500 17.70 20.48 13.19
CA HIS A 500 17.02 20.90 14.42
C HIS A 500 18.07 21.23 15.49
N PRO A 501 19.01 22.13 15.19
CA PRO A 501 20.19 22.26 16.05
C PRO A 501 19.87 22.80 17.43
N ASP A 502 18.75 23.49 17.60
CA ASP A 502 18.38 24.07 18.87
C ASP A 502 17.46 23.18 19.72
N SER A 503 16.98 22.06 19.18
CA SER A 503 16.03 21.23 19.92
C SER A 503 16.48 19.78 20.08
N VAL A 504 17.75 19.47 19.80
CA VAL A 504 18.20 18.08 19.70
C VAL A 504 17.79 17.28 20.92
N ASN A 505 17.99 17.84 22.11
CA ASN A 505 17.76 17.13 23.36
C ASN A 505 16.45 17.50 24.04
N ILE A 506 15.63 18.32 23.40
CA ILE A 506 14.30 18.61 23.93
C ILE A 506 13.39 17.40 23.69
N PRO A 507 12.65 16.94 24.71
CA PRO A 507 11.74 15.82 24.49
C PRO A 507 10.79 16.09 23.32
N GLY A 508 10.60 15.09 22.48
CA GLY A 508 9.81 15.29 21.28
C GLY A 508 8.40 15.78 21.55
N ASP A 509 7.83 15.41 22.68
CA ASP A 509 6.46 15.85 22.92
C ASP A 509 6.39 17.33 23.29
N LYS A 510 7.53 17.98 23.48
CA LYS A 510 7.61 19.43 23.59
C LYS A 510 7.97 20.10 22.27
N VAL A 511 8.41 19.34 21.28
CA VAL A 511 8.74 19.90 19.98
C VAL A 511 7.55 19.81 19.03
N TYR A 512 6.82 18.70 19.12
CA TYR A 512 5.78 18.33 18.17
C TYR A 512 4.43 18.16 18.86
N SER A 513 3.38 18.64 18.19
CA SER A 513 2.01 18.48 18.66
C SER A 513 1.62 17.00 18.69
N PRO A 514 0.77 16.59 19.64
CA PRO A 514 0.28 15.21 19.63
C PRO A 514 -0.58 14.94 18.41
N ILE A 515 -0.50 13.70 17.92
CA ILE A 515 -1.31 13.30 16.78
C ILE A 515 -2.69 12.90 17.27
N GLN A 516 -3.72 13.47 16.67
CA GLN A 516 -5.06 13.12 17.07
C GLN A 516 -5.47 11.80 16.41
N TRP A 517 -6.13 10.94 17.20
CA TRP A 517 -6.51 9.64 16.68
C TRP A 517 -7.69 9.80 15.72
N PRO A 518 -7.88 8.86 14.79
CA PRO A 518 -8.92 9.05 13.79
C PRO A 518 -10.32 9.00 14.40
N ALA A 519 -11.24 9.67 13.70
CA ALA A 519 -12.64 9.67 14.12
C ALA A 519 -13.17 8.24 14.23
N TYR A 520 -12.69 7.33 13.41
CA TYR A 520 -13.17 5.97 13.48
C TYR A 520 -12.54 5.14 14.60
N MET A 521 -11.58 5.68 15.36
CA MET A 521 -10.97 4.97 16.48
C MET A 521 -10.48 5.96 17.52
N PRO A 522 -11.39 6.48 18.35
CA PRO A 522 -10.99 7.47 19.36
C PRO A 522 -10.04 6.89 20.39
N LYS A 523 -9.20 7.76 20.94
CA LYS A 523 -8.21 7.34 21.91
C LYS A 523 -8.88 7.05 23.26
N PRO A 524 -8.65 5.89 23.86
CA PRO A 524 -9.21 5.63 25.19
C PRO A 524 -8.66 6.60 26.24
N LYS A 525 -9.47 6.84 27.27
CA LYS A 525 -9.09 7.70 28.39
C LYS A 525 -8.27 6.96 29.43
N THR A 526 -8.11 5.66 29.26
CA THR A 526 -7.43 4.81 30.23
C THR A 526 -6.04 5.37 30.53
N PRO A 527 -5.69 5.53 31.82
CA PRO A 527 -4.42 6.19 32.18
C PRO A 527 -3.17 5.63 31.50
N TYR A 528 -3.04 4.32 31.36
CA TYR A 528 -1.76 3.80 30.89
C TYR A 528 -1.49 4.21 29.44
N TYR A 529 -2.51 4.66 28.69
CA TYR A 529 -2.25 5.12 27.33
C TYR A 529 -1.35 6.35 27.30
N SER A 530 -1.46 7.23 28.30
CA SER A 530 -0.52 8.34 28.42
C SER A 530 0.84 7.86 28.92
N GLU A 531 0.85 6.89 29.83
CA GLU A 531 2.10 6.37 30.36
C GLU A 531 2.97 5.76 29.26
N ILE A 532 2.38 5.00 28.34
CA ILE A 532 3.22 4.32 27.35
C ILE A 532 3.85 5.28 26.36
N GLU A 533 3.31 6.50 26.23
CA GLU A 533 3.86 7.46 25.29
C GLU A 533 5.04 8.24 25.86
N HIS A 534 5.31 8.14 27.17
CA HIS A 534 6.48 8.78 27.76
C HIS A 534 7.69 7.88 27.51
N ILE A 535 8.29 8.06 26.33
CA ILE A 535 9.42 7.24 25.89
C ILE A 535 10.75 7.95 26.02
N TYR A 536 10.77 9.23 26.38
CA TYR A 536 12.01 10.01 26.43
C TYR A 536 12.89 9.52 27.58
N ARG A 537 14.17 9.30 27.30
CA ARG A 537 15.14 8.82 28.30
C ARG A 537 16.25 9.85 28.46
N LYS A 538 16.23 10.58 29.58
CA LYS A 538 17.22 11.61 29.85
C LYS A 538 18.64 11.05 29.83
N LYS A 539 18.85 9.86 30.42
CA LYS A 539 20.20 9.33 30.59
C LYS A 539 20.89 9.04 29.27
N PHE A 540 20.13 8.88 28.19
CA PHE A 540 20.75 8.62 26.89
C PHE A 540 21.02 9.90 26.12
N GLN A 541 20.60 11.05 26.64
CA GLN A 541 20.86 12.30 25.95
C GLN A 541 22.28 12.79 26.26
N LYS B 44 -7.02 -15.54 -32.14
CA LYS B 44 -6.94 -14.26 -32.84
C LYS B 44 -6.78 -13.09 -31.86
N LYS B 45 -5.89 -12.15 -32.18
CA LYS B 45 -5.61 -10.99 -31.34
C LYS B 45 -5.34 -9.79 -32.25
N PRO B 46 -5.67 -8.58 -31.81
CA PRO B 46 -5.29 -7.41 -32.61
C PRO B 46 -3.79 -7.25 -32.63
N THR B 47 -3.31 -6.65 -33.71
CA THR B 47 -1.89 -6.36 -33.83
C THR B 47 -1.51 -5.15 -32.97
N ASN B 48 -2.39 -4.15 -32.89
CA ASN B 48 -2.11 -2.90 -32.20
C ASN B 48 -3.23 -2.53 -31.24
N ILE B 49 -2.88 -1.73 -30.23
CA ILE B 49 -3.83 -1.10 -29.31
C ILE B 49 -3.71 0.41 -29.47
N LEU B 50 -4.84 1.10 -29.56
CA LEU B 50 -4.83 2.55 -29.67
C LEU B 50 -5.84 3.13 -28.69
N TRP B 51 -5.41 4.10 -27.87
CA TRP B 51 -6.34 4.85 -27.03
C TRP B 51 -6.56 6.20 -27.69
N ILE B 52 -7.82 6.54 -27.96
CA ILE B 52 -8.20 7.88 -28.38
C ILE B 52 -8.74 8.57 -27.15
N TYR B 53 -7.98 9.52 -26.64
CA TYR B 53 -8.04 9.91 -25.23
C TYR B 53 -8.44 11.38 -25.16
N MET B 54 -9.69 11.64 -24.81
CA MET B 54 -10.23 13.00 -24.82
C MET B 54 -10.32 13.59 -23.41
N GLU B 55 -10.22 14.93 -23.35
CA GLU B 55 -10.42 15.68 -22.11
C GLU B 55 -11.89 16.00 -21.90
N ASP B 56 -12.32 15.99 -20.64
CA ASP B 56 -13.50 16.74 -20.19
C ASP B 56 -14.70 16.58 -21.12
N GLN B 57 -15.16 15.35 -21.32
CA GLN B 57 -16.29 15.18 -22.24
C GLN B 57 -17.23 14.08 -21.77
N ASN B 58 -18.54 14.38 -21.80
CA ASN B 58 -19.67 13.51 -21.58
C ASN B 58 -20.27 13.11 -22.93
N PRO B 59 -20.93 11.94 -23.02
CA PRO B 59 -21.35 11.43 -24.35
C PRO B 59 -22.68 12.00 -24.81
N TRP B 60 -22.69 13.30 -25.11
CA TRP B 60 -23.89 13.95 -25.63
C TRP B 60 -23.93 13.84 -27.15
N ASN B 61 -23.93 12.60 -27.66
CA ASN B 61 -23.76 12.35 -29.10
C ASN B 61 -24.83 11.37 -29.60
N ASN B 62 -24.81 11.11 -30.91
CA ASN B 62 -25.87 10.32 -31.55
C ASN B 62 -25.84 8.86 -31.09
N ALA B 63 -24.66 8.32 -30.79
CA ALA B 63 -24.63 6.92 -30.36
C ALA B 63 -25.27 6.72 -29.00
N TRP B 64 -25.36 7.75 -28.18
CA TRP B 64 -26.10 7.71 -26.94
C TRP B 64 -27.51 8.27 -27.12
N GLY B 65 -27.97 8.44 -28.35
CA GLY B 65 -29.33 8.85 -28.60
C GLY B 65 -29.59 10.33 -28.54
N ASP B 66 -28.55 11.17 -28.47
CA ASP B 66 -28.72 12.62 -28.38
C ASP B 66 -28.46 13.19 -29.76
N TYR B 67 -29.50 13.73 -30.39
CA TYR B 67 -29.38 14.28 -31.74
C TYR B 67 -29.44 15.80 -31.73
N THR B 68 -29.06 16.42 -30.60
CA THR B 68 -28.91 17.86 -30.56
C THR B 68 -27.99 18.35 -31.67
N VAL B 69 -26.84 17.70 -31.86
CA VAL B 69 -25.98 17.96 -33.00
C VAL B 69 -25.73 16.63 -33.70
N SER B 70 -25.09 16.69 -34.85
CA SER B 70 -24.91 15.51 -35.67
C SER B 70 -23.50 14.99 -35.46
N THR B 71 -23.38 13.73 -35.05
CA THR B 71 -22.08 13.09 -34.81
C THR B 71 -22.03 11.79 -35.61
N PRO B 72 -21.89 11.89 -36.94
CA PRO B 72 -21.98 10.66 -37.75
C PRO B 72 -20.82 9.71 -37.57
N ASN B 73 -19.59 10.21 -37.41
CA ASN B 73 -18.47 9.29 -37.25
C ASN B 73 -18.61 8.45 -35.98
N ILE B 74 -18.95 9.10 -34.86
CA ILE B 74 -19.12 8.39 -33.59
C ILE B 74 -20.25 7.37 -33.70
N LYS B 75 -21.35 7.75 -34.35
CA LYS B 75 -22.48 6.84 -34.50
C LYS B 75 -22.07 5.58 -35.25
N LYS B 76 -21.41 5.73 -36.36
CA LYS B 76 -20.90 4.59 -37.10
C LYS B 76 -19.92 3.78 -36.25
N PHE B 77 -18.96 4.44 -35.72
CA PHE B 77 -17.95 3.78 -34.90
C PHE B 77 -18.59 2.93 -33.79
N ALA B 78 -19.60 3.47 -33.12
CA ALA B 78 -20.26 2.69 -32.07
C ALA B 78 -21.01 1.52 -32.66
N ASP B 79 -21.75 1.76 -33.76
CA ASP B 79 -22.54 0.70 -34.40
C ASP B 79 -21.68 -0.52 -34.77
N GLN B 80 -20.45 -0.30 -35.23
CA GLN B 80 -19.59 -1.43 -35.58
C GLN B 80 -18.68 -1.90 -34.43
N GLY B 81 -18.85 -1.37 -33.22
CA GLY B 81 -18.02 -1.76 -32.11
C GLY B 81 -18.85 -2.09 -30.89
N VAL B 82 -18.26 -1.90 -29.71
CA VAL B 82 -18.92 -2.14 -28.44
C VAL B 82 -18.94 -0.83 -27.64
N ARG B 83 -20.14 -0.39 -27.26
CA ARG B 83 -20.38 0.85 -26.54
C ARG B 83 -20.73 0.56 -25.10
N PHE B 84 -20.03 1.20 -24.17
CA PHE B 84 -20.23 0.97 -22.73
C PHE B 84 -20.96 2.16 -22.11
N THR B 85 -22.12 1.89 -21.53
CA THR B 85 -22.96 2.94 -20.95
C THR B 85 -22.75 3.10 -19.45
N ASN B 86 -21.84 2.35 -18.85
CA ASN B 86 -21.59 2.41 -17.40
C ASN B 86 -20.10 2.28 -17.10
N ALA B 87 -19.28 3.08 -17.79
CA ALA B 87 -17.84 3.12 -17.58
C ALA B 87 -17.53 4.28 -16.62
N HIS B 88 -17.06 3.95 -15.42
CA HIS B 88 -16.82 4.96 -14.37
C HIS B 88 -15.33 5.10 -14.10
N GLN B 89 -14.79 6.29 -14.38
CA GLN B 89 -13.39 6.56 -14.10
C GLN B 89 -13.18 6.62 -12.60
N PRO B 90 -11.97 6.30 -12.12
CA PRO B 90 -11.72 6.34 -10.68
C PRO B 90 -11.49 7.74 -10.12
N ALA B 91 -11.59 8.80 -10.94
CA ALA B 91 -11.38 10.16 -10.46
C ALA B 91 -12.12 11.11 -11.38
N PRO B 92 -12.50 12.31 -10.90
CA PRO B 92 -13.14 13.28 -11.77
C PRO B 92 -12.19 14.40 -12.21
N VAL B 93 -10.88 14.15 -12.25
CA VAL B 93 -9.92 15.16 -12.67
C VAL B 93 -8.73 14.49 -13.34
N SER B 94 -8.03 15.25 -14.18
CA SER B 94 -7.10 14.69 -15.17
C SER B 94 -6.01 13.82 -14.54
N SER B 95 -5.15 14.41 -13.69
CA SER B 95 -3.93 13.68 -13.33
C SER B 95 -4.22 12.43 -12.51
N ALA B 96 -5.30 12.43 -11.73
CA ALA B 96 -5.64 11.27 -10.93
C ALA B 96 -6.16 10.14 -11.80
N THR B 97 -7.04 10.44 -12.76
CA THR B 97 -7.51 9.39 -13.66
C THR B 97 -6.35 8.87 -14.50
N ARG B 98 -5.54 9.77 -15.05
CA ARG B 98 -4.49 9.32 -15.96
C ARG B 98 -3.40 8.56 -15.22
N SER B 99 -3.13 8.91 -13.96
CA SER B 99 -2.14 8.15 -13.20
C SER B 99 -2.69 6.78 -12.85
N ALA B 100 -3.98 6.70 -12.54
CA ALA B 100 -4.60 5.41 -12.25
C ALA B 100 -4.54 4.48 -13.45
N LEU B 101 -4.96 5.00 -14.61
CA LEU B 101 -5.07 4.13 -15.78
C LEU B 101 -3.70 3.68 -16.28
N ILE B 102 -2.67 4.52 -16.15
CA ILE B 102 -1.34 4.16 -16.63
C ILE B 102 -0.60 3.22 -15.68
N THR B 103 -0.93 3.25 -14.39
CA THR B 103 -0.37 2.31 -13.42
C THR B 103 -1.23 1.07 -13.22
N GLY B 104 -2.47 1.08 -13.69
CA GLY B 104 -3.34 -0.06 -13.54
C GLY B 104 -4.02 -0.20 -12.20
N GLN B 105 -3.87 0.77 -11.29
CA GLN B 105 -4.46 0.70 -9.96
C GLN B 105 -5.11 2.02 -9.61
N TYR B 106 -6.07 1.97 -8.68
CA TYR B 106 -6.62 3.20 -8.11
C TYR B 106 -5.48 4.13 -7.73
N GLN B 107 -5.61 5.41 -8.10
CA GLN B 107 -4.56 6.39 -7.86
C GLN B 107 -4.28 6.55 -6.37
N THR B 108 -5.29 6.32 -5.53
CA THR B 108 -5.14 6.42 -4.09
C THR B 108 -4.26 5.32 -3.51
N THR B 109 -4.05 4.22 -4.24
CA THR B 109 -3.29 3.10 -3.65
C THR B 109 -1.79 3.38 -3.65
N LEU B 110 -1.28 4.03 -4.69
CA LEU B 110 0.15 4.32 -4.80
C LEU B 110 0.47 5.76 -4.46
N GLY B 111 -0.47 6.50 -3.87
CA GLY B 111 -0.16 7.86 -3.48
C GLY B 111 -0.10 8.85 -4.62
N LEU B 112 -0.87 8.60 -5.68
CA LEU B 112 -0.91 9.43 -6.88
C LEU B 112 -2.20 10.25 -6.97
N GLN B 113 -2.94 10.38 -5.86
CA GLN B 113 -4.31 10.89 -5.90
C GLN B 113 -4.41 12.40 -5.94
N ASN B 114 -3.37 13.15 -5.61
CA ASN B 114 -3.51 14.59 -5.44
C ASN B 114 -3.17 15.31 -6.74
N HIS B 115 -4.12 16.09 -7.25
CA HIS B 115 -4.00 16.78 -8.53
C HIS B 115 -3.56 18.21 -8.30
N ARG B 116 -2.33 18.57 -8.70
CA ARG B 116 -1.27 17.73 -9.25
C ARG B 116 -0.19 17.54 -8.18
N SER B 117 0.67 16.54 -8.34
CA SER B 117 1.68 16.26 -7.33
C SER B 117 2.93 15.71 -8.00
N SER B 118 4.02 15.70 -7.23
CA SER B 118 5.31 15.15 -7.65
C SER B 118 5.87 15.91 -8.86
N ARG B 119 5.60 17.20 -8.95
CA ARG B 119 6.08 18.00 -10.08
C ARG B 119 7.36 18.78 -9.79
N ALA B 120 7.61 19.13 -8.53
CA ALA B 120 8.75 19.98 -8.21
C ALA B 120 10.03 19.15 -8.13
N SER B 121 11.15 19.85 -8.07
CA SER B 121 12.44 19.20 -7.90
C SER B 121 12.59 18.57 -6.53
N TYR B 122 11.92 19.12 -5.51
CA TYR B 122 12.10 18.75 -4.11
C TYR B 122 10.98 17.85 -3.59
N ASN B 123 10.09 17.42 -4.46
CA ASN B 123 8.96 16.60 -4.06
C ASN B 123 8.73 15.54 -5.13
N ALA B 124 8.87 14.27 -4.77
CA ALA B 124 8.95 13.20 -5.77
C ALA B 124 8.26 11.94 -5.27
N THR B 125 7.39 11.38 -6.10
CA THR B 125 6.90 10.02 -5.93
C THR B 125 7.50 9.17 -7.04
N PHE B 126 8.15 8.06 -6.66
CA PHE B 126 8.65 7.07 -7.60
C PHE B 126 7.84 5.78 -7.44
N LEU B 127 7.46 5.18 -8.55
CA LEU B 127 6.75 3.91 -8.47
C LEU B 127 7.68 2.85 -7.86
N PRO B 128 7.11 1.80 -7.27
CA PRO B 128 7.96 0.81 -6.57
C PRO B 128 8.97 0.15 -7.49
N GLU B 129 10.10 -0.23 -6.91
CA GLU B 129 11.06 -1.07 -7.61
C GLU B 129 10.37 -2.30 -8.22
N GLY B 130 10.64 -2.56 -9.51
CA GLY B 130 10.04 -3.71 -10.18
C GLY B 130 8.67 -3.48 -10.77
N TYR B 131 8.05 -2.34 -10.49
CA TYR B 131 6.69 -2.06 -10.93
C TYR B 131 6.66 -1.83 -12.44
N LYS B 132 5.58 -2.27 -13.08
CA LYS B 132 5.40 -2.09 -14.52
C LYS B 132 4.12 -1.30 -14.80
N THR B 133 4.28 -0.09 -15.35
CA THR B 133 3.14 0.61 -15.92
C THR B 133 2.68 -0.10 -17.19
N VAL B 134 1.49 0.26 -17.67
CA VAL B 134 0.94 -0.38 -18.87
C VAL B 134 1.85 -0.19 -20.08
N PRO B 135 2.40 1.00 -20.36
CA PRO B 135 3.31 1.10 -21.51
C PRO B 135 4.56 0.24 -21.36
N GLU B 136 5.12 0.13 -20.15
CA GLU B 136 6.29 -0.71 -19.96
C GLU B 136 5.98 -2.17 -20.24
N LEU B 137 4.77 -2.62 -19.91
CA LEU B 137 4.41 -4.00 -20.20
C LEU B 137 4.41 -4.25 -21.70
N PHE B 138 3.96 -3.25 -22.48
CA PHE B 138 3.95 -3.39 -23.93
C PHE B 138 5.37 -3.31 -24.49
N VAL B 139 6.21 -2.45 -23.92
CA VAL B 139 7.62 -2.37 -24.32
C VAL B 139 8.29 -3.73 -24.13
N ASP B 140 8.10 -4.35 -22.96
CA ASP B 140 8.74 -5.63 -22.70
C ASP B 140 8.24 -6.70 -23.64
N ALA B 141 7.00 -6.61 -24.09
CA ALA B 141 6.48 -7.56 -25.05
C ALA B 141 6.91 -7.24 -26.48
N GLY B 142 7.76 -6.24 -26.67
CA GLY B 142 8.32 -5.94 -27.98
C GLY B 142 7.53 -4.94 -28.81
N TYR B 143 6.59 -4.20 -28.23
CA TYR B 143 5.84 -3.23 -29.00
C TYR B 143 6.57 -1.89 -29.03
N GLN B 144 6.25 -1.10 -30.05
CA GLN B 144 6.54 0.32 -30.02
C GLN B 144 5.44 1.03 -29.26
N THR B 145 5.80 2.03 -28.46
CA THR B 145 4.82 2.69 -27.59
C THR B 145 4.92 4.20 -27.72
N PHE B 146 3.76 4.88 -27.67
CA PHE B 146 3.77 6.33 -27.76
C PHE B 146 2.52 6.91 -27.12
N ASN B 147 2.64 8.17 -26.74
CA ASN B 147 1.49 8.95 -26.28
C ASN B 147 1.72 10.38 -26.76
N ILE B 148 0.94 10.79 -27.76
CA ILE B 148 1.05 12.12 -28.33
C ILE B 148 0.12 13.05 -27.58
N GLY B 149 0.68 14.08 -26.97
CA GLY B 149 -0.03 14.94 -26.05
C GLY B 149 0.36 14.67 -24.61
N LYS B 150 -0.47 15.15 -23.70
CA LYS B 150 -0.10 15.17 -22.28
C LYS B 150 -0.04 13.77 -21.68
N ASP B 151 0.93 13.58 -20.77
CA ASP B 151 0.92 12.49 -19.79
C ASP B 151 0.13 12.92 -18.57
N ASP B 152 0.70 13.83 -17.77
CA ASP B 152 0.07 14.42 -16.57
C ASP B 152 -0.04 13.38 -15.45
N TYR B 153 1.07 12.67 -15.19
CA TYR B 153 1.11 11.66 -14.14
C TYR B 153 1.69 12.24 -12.84
N ASN B 154 1.19 11.75 -11.71
CA ASN B 154 1.62 12.27 -10.41
C ASN B 154 2.76 11.44 -9.81
N PHE B 155 3.74 11.12 -10.65
CA PHE B 155 4.97 10.50 -10.20
C PHE B 155 6.06 10.93 -11.18
N LYS B 156 7.30 10.68 -10.80
CA LYS B 156 8.45 10.96 -11.64
C LYS B 156 8.89 9.68 -12.35
N TYR B 157 9.33 9.83 -13.59
CA TYR B 157 9.61 8.66 -14.40
C TYR B 157 10.51 9.03 -15.56
N ASP B 158 11.26 8.03 -16.02
CA ASP B 158 12.01 8.12 -17.27
C ASP B 158 11.04 7.83 -18.41
N ARG B 159 10.59 8.88 -19.09
CA ARG B 159 9.56 8.67 -20.12
C ARG B 159 10.02 7.72 -21.23
N SER B 160 11.33 7.69 -21.54
CA SER B 160 11.82 6.81 -22.59
C SER B 160 11.57 5.34 -22.27
N LYS B 161 11.38 4.98 -21.00
CA LYS B 161 11.09 3.60 -20.66
C LYS B 161 9.63 3.25 -20.90
N LEU B 162 8.76 4.25 -20.94
CA LEU B 162 7.35 4.01 -21.19
C LEU B 162 7.02 4.10 -22.68
N TYR B 163 7.51 5.15 -23.34
CA TYR B 163 7.14 5.50 -24.70
C TYR B 163 8.43 5.55 -25.52
N ASN B 164 8.72 4.48 -26.27
CA ASN B 164 10.00 4.34 -26.94
C ASN B 164 9.97 4.78 -28.41
N ALA B 165 8.84 5.24 -28.92
CA ALA B 165 8.71 5.59 -30.35
C ALA B 165 8.85 7.07 -30.64
N HIS B 166 8.98 7.92 -29.63
CA HIS B 166 9.12 9.35 -29.86
C HIS B 166 9.65 9.99 -28.58
N GLU B 167 9.97 11.29 -28.68
CA GLU B 167 10.58 12.04 -27.59
C GLU B 167 9.51 12.76 -26.76
N GLY B 168 9.79 12.92 -25.48
CA GLY B 168 8.96 13.77 -24.66
C GLY B 168 9.40 15.22 -24.73
N LYS B 169 8.55 16.12 -24.23
CA LYS B 169 8.85 17.54 -24.08
C LYS B 169 8.04 18.05 -22.90
N ALA B 170 8.32 19.28 -22.49
CA ALA B 170 7.64 19.86 -21.34
C ALA B 170 6.18 20.14 -21.65
N GLY B 171 5.31 19.79 -20.71
CA GLY B 171 3.89 20.07 -20.80
C GLY B 171 3.47 21.12 -19.79
N PHE B 172 2.18 21.13 -19.48
CA PHE B 172 1.61 22.11 -18.57
C PHE B 172 1.77 21.64 -17.11
N GLN B 173 2.20 22.57 -16.24
CA GLN B 173 2.27 22.37 -14.79
C GLN B 173 3.00 21.08 -14.41
N GLY B 174 4.21 20.93 -14.94
CA GLY B 174 5.08 19.85 -14.56
C GLY B 174 4.89 18.56 -15.33
N ALA B 175 3.89 18.48 -16.19
CA ALA B 175 3.62 17.27 -16.96
C ALA B 175 4.61 17.09 -18.10
N HIS B 176 4.89 15.83 -18.44
CA HIS B 176 5.49 15.55 -19.75
C HIS B 176 4.40 15.50 -20.81
N ASP B 177 4.74 15.95 -22.01
CA ASP B 177 3.96 15.73 -23.21
C ASP B 177 4.79 14.90 -24.19
N GLY B 178 4.11 14.05 -24.98
CA GLY B 178 4.78 13.36 -26.07
C GLY B 178 4.66 14.16 -27.37
N THR B 179 5.76 14.23 -28.11
CA THR B 179 5.82 15.05 -29.32
C THR B 179 5.05 14.41 -30.47
N LYS B 180 4.51 15.27 -31.33
CA LYS B 180 3.84 14.80 -32.53
C LYS B 180 4.85 14.15 -33.44
N PHE B 181 4.43 13.07 -34.09
CA PHE B 181 5.23 12.42 -35.13
C PHE B 181 4.27 11.62 -35.98
N ASP B 182 4.79 11.12 -37.10
CA ASP B 182 3.98 10.37 -38.08
C ASP B 182 3.85 8.92 -37.62
N TRP B 183 3.07 8.73 -36.56
CA TRP B 183 2.94 7.41 -35.96
C TRP B 183 2.33 6.41 -36.94
N ALA B 184 1.30 6.81 -37.67
CA ALA B 184 0.56 5.85 -38.48
C ALA B 184 1.39 5.31 -39.64
N ASN B 185 2.29 6.14 -40.19
CA ASN B 185 3.19 5.68 -41.24
C ASN B 185 4.43 5.01 -40.65
N ASN B 186 5.05 5.62 -39.64
CA ASN B 186 6.26 5.04 -39.06
C ASN B 186 6.02 3.65 -38.49
N LEU B 187 4.81 3.36 -38.02
CA LEU B 187 4.56 2.09 -37.33
C LEU B 187 3.54 1.22 -38.05
N LYS B 188 3.30 1.44 -39.34
CA LYS B 188 2.32 0.62 -40.04
C LYS B 188 2.76 -0.84 -40.15
N ASN B 189 4.05 -1.13 -39.98
CA ASN B 189 4.55 -2.50 -40.00
C ASN B 189 5.16 -2.90 -38.67
N LYS B 190 4.84 -2.17 -37.60
CA LYS B 190 5.43 -2.42 -36.29
C LYS B 190 4.33 -2.42 -35.23
N PRO B 191 4.04 -3.55 -34.62
CA PRO B 191 3.02 -3.59 -33.56
C PRO B 191 3.26 -2.50 -32.52
N PHE B 192 2.19 -1.79 -32.17
CA PHE B 192 2.32 -0.64 -31.28
C PHE B 192 1.16 -0.58 -30.29
N PHE B 193 1.44 0.08 -29.16
CA PHE B 193 0.44 0.57 -28.22
C PHE B 193 0.59 2.08 -28.19
N GLY B 194 -0.41 2.79 -28.71
CA GLY B 194 -0.34 4.23 -28.79
C GLY B 194 -1.54 4.90 -28.15
N GLN B 195 -1.35 6.17 -27.81
CA GLN B 195 -2.44 7.02 -27.33
C GLN B 195 -2.40 8.34 -28.09
N ILE B 196 -3.57 8.86 -28.43
CA ILE B 196 -3.70 10.18 -29.04
C ILE B 196 -4.55 11.06 -28.13
N GLN B 197 -3.96 12.12 -27.61
CA GLN B 197 -4.64 13.02 -26.70
C GLN B 197 -5.40 14.06 -27.51
N LEU B 198 -6.71 14.16 -27.29
CA LEU B 198 -7.56 15.14 -27.95
C LEU B 198 -8.18 16.06 -26.89
N LYS B 199 -8.51 17.28 -27.32
CA LYS B 199 -8.99 18.32 -26.41
C LYS B 199 -10.41 18.07 -25.88
N GLY B 200 -11.23 17.30 -26.57
CA GLY B 200 -12.60 17.07 -26.13
C GLY B 200 -13.36 18.34 -25.74
N GLY B 201 -13.84 18.40 -24.50
CA GLY B 201 -14.56 19.58 -24.00
C GLY B 201 -13.73 20.84 -23.86
N LYS B 202 -12.40 20.74 -23.96
CA LYS B 202 -11.55 21.91 -23.91
C LYS B 202 -11.37 22.60 -25.26
N HIS B 203 -11.90 22.02 -26.35
CA HIS B 203 -11.90 22.69 -27.65
C HIS B 203 -12.56 24.05 -27.58
N HIS B 204 -11.97 25.04 -28.27
N HIS B 204 -12.00 25.04 -28.28
CA HIS B 204 -12.55 26.36 -28.41
CA HIS B 204 -12.69 26.33 -28.43
C HIS B 204 -12.71 26.80 -29.85
C HIS B 204 -12.72 26.82 -29.88
N ASN B 205 -12.24 26.03 -30.83
CA ASN B 205 -12.25 26.45 -32.24
C ASN B 205 -13.56 26.02 -32.89
N PHE B 206 -14.55 26.92 -32.90
CA PHE B 206 -15.85 26.65 -33.48
C PHE B 206 -16.08 27.37 -34.82
N ASN B 207 -15.01 27.79 -35.50
CA ASN B 207 -15.18 28.57 -36.72
C ASN B 207 -15.44 27.74 -37.96
N GLY B 208 -15.23 26.42 -37.94
CA GLY B 208 -15.51 25.63 -39.13
C GLY B 208 -16.99 25.64 -39.49
N LYS B 209 -17.27 25.56 -40.81
CA LYS B 209 -18.66 25.54 -41.28
C LYS B 209 -19.43 24.35 -40.74
N ASP B 210 -18.75 23.26 -40.38
CA ASP B 210 -19.39 22.06 -39.84
C ASP B 210 -19.89 22.23 -38.41
N VAL B 211 -19.48 23.25 -37.68
CA VAL B 211 -19.85 23.39 -36.28
C VAL B 211 -21.23 24.06 -36.26
N PRO B 212 -22.26 23.41 -35.76
CA PRO B 212 -23.63 23.93 -35.90
C PRO B 212 -23.88 25.06 -34.92
N GLN B 213 -25.00 25.74 -35.16
CA GLN B 213 -25.53 26.66 -34.18
C GLN B 213 -26.20 25.85 -33.06
N VAL B 214 -25.87 26.20 -31.83
CA VAL B 214 -26.49 25.62 -30.66
C VAL B 214 -26.88 26.82 -29.81
N ASP B 215 -28.17 27.06 -29.71
CA ASP B 215 -28.74 28.24 -29.09
C ASP B 215 -28.71 28.07 -27.57
N PRO B 216 -27.93 28.88 -26.85
CA PRO B 216 -27.92 28.77 -25.38
C PRO B 216 -29.31 28.85 -24.78
N ASP B 217 -30.23 29.56 -25.44
CA ASP B 217 -31.59 29.73 -24.94
C ASP B 217 -32.41 28.46 -25.04
N LYS B 218 -32.00 27.50 -25.87
CA LYS B 218 -32.73 26.25 -26.01
C LYS B 218 -32.10 25.09 -25.24
N MET B 219 -31.13 25.37 -24.40
CA MET B 219 -30.50 24.33 -23.59
C MET B 219 -31.33 24.03 -22.34
N THR B 220 -31.44 22.75 -22.00
CA THR B 220 -32.12 22.32 -20.78
C THR B 220 -31.05 22.01 -19.74
N LEU B 221 -30.95 22.85 -18.75
CA LEU B 221 -29.96 22.71 -17.71
C LEU B 221 -30.48 21.79 -16.61
N PRO B 222 -29.64 21.00 -15.97
CA PRO B 222 -30.11 20.22 -14.82
C PRO B 222 -30.51 21.15 -13.67
N ALA B 223 -31.37 20.62 -12.80
CA ALA B 223 -32.00 21.44 -11.77
C ALA B 223 -31.01 21.97 -10.75
N TYR B 224 -29.83 21.36 -10.63
CA TYR B 224 -28.86 21.79 -9.63
C TYR B 224 -27.93 22.90 -10.11
N TYR B 225 -28.02 23.32 -11.37
CA TYR B 225 -27.25 24.44 -11.89
C TYR B 225 -28.09 25.70 -11.93
N ALA B 226 -27.47 26.84 -11.62
CA ALA B 226 -28.14 28.12 -11.79
C ALA B 226 -28.37 28.40 -13.28
N ASP B 227 -29.54 28.96 -13.60
CA ASP B 227 -29.89 29.34 -14.96
C ASP B 227 -29.29 30.71 -15.24
N THR B 228 -28.06 30.73 -15.76
CA THR B 228 -27.37 31.97 -16.07
C THR B 228 -26.90 31.95 -17.51
N PRO B 229 -26.68 33.13 -18.10
CA PRO B 229 -26.21 33.16 -19.51
C PRO B 229 -24.94 32.38 -19.73
N ALA B 230 -23.94 32.54 -18.86
CA ALA B 230 -22.68 31.84 -19.06
C ALA B 230 -22.82 30.34 -18.82
N THR B 231 -23.76 29.92 -17.97
CA THR B 231 -23.96 28.48 -17.80
C THR B 231 -24.63 27.87 -19.03
N ARG B 232 -25.66 28.54 -19.55
CA ARG B 232 -26.26 28.08 -20.81
C ARG B 232 -25.24 28.07 -21.93
N ALA B 233 -24.34 29.07 -21.95
CA ALA B 233 -23.35 29.14 -23.01
C ALA B 233 -22.40 27.94 -22.95
N GLU B 234 -21.99 27.55 -21.74
CA GLU B 234 -21.12 26.38 -21.62
C GLU B 234 -21.85 25.10 -21.99
N TRP B 235 -23.14 25.01 -21.67
CA TRP B 235 -23.89 23.83 -22.07
C TRP B 235 -23.92 23.73 -23.60
N ALA B 236 -24.28 24.83 -24.26
CA ALA B 236 -24.28 24.84 -25.73
C ALA B 236 -22.90 24.54 -26.29
N LYS B 237 -21.84 25.10 -25.68
CA LYS B 237 -20.49 24.88 -26.21
C LYS B 237 -20.08 23.43 -26.10
N HIS B 238 -20.49 22.75 -25.02
CA HIS B 238 -20.10 21.35 -24.88
C HIS B 238 -20.71 20.51 -25.99
N TYR B 239 -21.94 20.83 -26.41
CA TYR B 239 -22.50 20.17 -27.59
C TYR B 239 -21.63 20.41 -28.82
N LYS B 240 -21.13 21.64 -29.00
CA LYS B 240 -20.28 21.94 -30.15
C LYS B 240 -19.01 21.10 -30.13
N THR B 241 -18.46 20.83 -28.94
CA THR B 241 -17.26 19.99 -28.87
C THR B 241 -17.53 18.54 -29.26
N GLN B 242 -18.79 18.08 -29.19
CA GLN B 242 -19.10 16.74 -29.68
C GLN B 242 -18.83 16.62 -31.17
N VAL B 243 -19.15 17.67 -31.93
CA VAL B 243 -18.91 17.64 -33.37
C VAL B 243 -17.41 17.64 -33.64
N LEU B 244 -16.65 18.42 -32.86
CA LEU B 244 -15.19 18.43 -33.06
C LEU B 244 -14.58 17.09 -32.70
N SER B 245 -15.10 16.43 -31.65
CA SER B 245 -14.58 15.09 -31.36
C SER B 245 -14.96 14.12 -32.46
N ASP B 246 -16.13 14.32 -33.09
CA ASP B 246 -16.55 13.48 -34.20
C ASP B 246 -15.61 13.64 -35.39
N ILE B 247 -15.22 14.90 -35.68
CA ILE B 247 -14.27 15.16 -36.74
C ILE B 247 -12.92 14.51 -36.43
N GLU B 248 -12.45 14.69 -35.19
CA GLU B 248 -11.13 14.16 -34.85
C GLU B 248 -11.12 12.63 -34.85
N LEU B 249 -12.22 12.01 -34.44
CA LEU B 249 -12.30 10.56 -34.57
C LEU B 249 -12.17 10.15 -36.03
N GLY B 250 -12.85 10.85 -36.93
CA GLY B 250 -12.74 10.55 -38.35
C GLY B 250 -11.33 10.69 -38.89
N GLN B 251 -10.61 11.73 -38.44
CA GLN B 251 -9.22 11.91 -38.88
C GLN B 251 -8.38 10.69 -38.54
N ILE B 252 -8.52 10.21 -37.30
CA ILE B 252 -7.69 9.09 -36.86
C ILE B 252 -8.04 7.81 -37.63
N LEU B 253 -9.33 7.53 -37.79
CA LEU B 253 -9.73 6.33 -38.51
C LEU B 253 -9.24 6.36 -39.95
N LYS B 254 -9.28 7.55 -40.58
CA LYS B 254 -8.76 7.68 -41.94
C LYS B 254 -7.25 7.41 -41.98
N GLU B 255 -6.51 7.99 -41.04
CA GLU B 255 -5.06 7.74 -41.00
C GLU B 255 -4.76 6.26 -40.84
N LEU B 256 -5.53 5.56 -40.00
CA LEU B 256 -5.34 4.12 -39.84
C LEU B 256 -5.66 3.38 -41.13
N ASP B 257 -6.77 3.76 -41.79
CA ASP B 257 -7.16 3.11 -43.03
C ASP B 257 -6.15 3.35 -44.13
N ASP B 258 -5.66 4.60 -44.28
CA ASP B 258 -4.65 4.94 -45.27
C ASP B 258 -3.35 4.16 -45.08
N ASN B 259 -3.09 3.65 -43.89
CA ASN B 259 -1.85 2.91 -43.65
C ASN B 259 -2.12 1.44 -43.39
N ASN B 260 -3.33 0.97 -43.72
CA ASN B 260 -3.70 -0.44 -43.64
C ASN B 260 -3.53 -1.03 -42.23
N ILE B 261 -3.79 -0.21 -41.22
CA ILE B 261 -3.80 -0.67 -39.84
C ILE B 261 -5.16 -0.39 -39.18
N LEU B 262 -6.20 -0.20 -39.97
CA LEU B 262 -7.54 -0.03 -39.39
C LEU B 262 -8.07 -1.37 -38.88
N GLU B 263 -7.91 -2.41 -39.69
CA GLU B 263 -8.54 -3.70 -39.42
C GLU B 263 -7.90 -4.41 -38.22
N ASN B 264 -6.59 -4.28 -38.04
CA ASN B 264 -5.88 -5.05 -37.03
C ASN B 264 -5.59 -4.24 -35.76
N THR B 265 -6.25 -3.11 -35.55
CA THR B 265 -5.99 -2.27 -34.38
C THR B 265 -7.23 -2.25 -33.49
N ALA B 266 -7.04 -2.55 -32.20
CA ALA B 266 -8.11 -2.41 -31.22
C ALA B 266 -8.06 -0.98 -30.66
N ILE B 267 -9.13 -0.21 -30.87
CA ILE B 267 -9.21 1.17 -30.44
C ILE B 267 -10.04 1.26 -29.16
N PHE B 268 -9.55 2.02 -28.18
CA PHE B 268 -10.32 2.37 -26.98
C PHE B 268 -10.55 3.87 -26.98
N TRP B 269 -11.82 4.28 -27.04
CA TRP B 269 -12.23 5.67 -27.24
C TRP B 269 -12.96 6.15 -25.99
N PHE B 270 -12.37 7.08 -25.24
CA PHE B 270 -12.94 7.46 -23.95
C PHE B 270 -12.37 8.82 -23.53
N SER B 271 -12.99 9.41 -22.50
CA SER B 271 -12.50 10.66 -21.93
C SER B 271 -12.01 10.41 -20.50
N ASP B 272 -11.23 11.36 -19.95
CA ASP B 272 -10.68 11.18 -18.62
C ASP B 272 -11.69 11.49 -17.52
N HIS B 273 -12.72 12.30 -17.80
CA HIS B 273 -13.79 12.62 -16.85
C HIS B 273 -14.81 13.52 -17.53
N GLY B 274 -15.82 13.97 -16.79
CA GLY B 274 -16.90 14.76 -17.36
C GLY B 274 -16.54 16.22 -17.61
N MET B 275 -17.54 17.00 -18.05
CA MET B 275 -17.33 18.32 -18.62
C MET B 275 -17.11 19.37 -17.51
N LEU B 276 -16.78 20.60 -17.92
CA LEU B 276 -16.13 21.58 -17.04
C LEU B 276 -17.04 22.25 -16.01
N LEU B 277 -18.35 22.04 -16.03
CA LEU B 277 -19.18 22.81 -15.09
C LEU B 277 -18.99 22.30 -13.66
N LEU B 278 -19.48 23.10 -12.69
CA LEU B 278 -19.01 22.99 -11.31
C LEU B 278 -19.41 21.70 -10.58
N ARG B 279 -20.48 21.03 -10.99
CA ARG B 279 -20.85 19.75 -10.38
C ARG B 279 -20.60 18.57 -11.32
N HIS B 280 -19.74 18.75 -12.33
CA HIS B 280 -19.29 17.66 -13.17
C HIS B 280 -17.81 17.45 -12.86
N LYS B 281 -16.89 17.99 -13.66
CA LYS B 281 -15.46 17.94 -13.37
C LYS B 281 -15.18 18.35 -11.92
N GLN B 282 -14.27 17.62 -11.27
CA GLN B 282 -13.81 17.76 -9.88
C GLN B 282 -14.76 17.12 -8.87
N GLU B 283 -15.94 16.66 -9.26
CA GLU B 283 -16.90 16.14 -8.28
C GLU B 283 -17.29 14.70 -8.61
N LEU B 284 -17.84 14.00 -7.60
CA LEU B 284 -18.06 12.57 -7.70
C LEU B 284 -19.51 12.21 -8.02
N TYR B 285 -20.25 13.10 -8.68
CA TYR B 285 -21.58 12.72 -9.15
C TYR B 285 -21.45 11.94 -10.45
N GLU B 286 -22.59 11.37 -10.87
CA GLU B 286 -22.61 10.42 -11.97
C GLU B 286 -21.84 10.91 -13.20
N ASP B 287 -22.14 12.13 -13.66
CA ASP B 287 -21.55 12.57 -14.92
C ASP B 287 -20.20 13.27 -14.73
N GLY B 288 -19.68 13.32 -13.51
CA GLY B 288 -18.30 13.70 -13.31
C GLY B 288 -17.37 12.55 -13.66
N VAL B 289 -17.78 11.32 -13.36
CA VAL B 289 -16.90 10.16 -13.50
C VAL B 289 -17.34 9.17 -14.58
N LYS B 290 -18.61 9.15 -14.96
CA LYS B 290 -19.05 8.24 -16.01
C LYS B 290 -18.70 8.86 -17.36
N VAL B 291 -17.93 8.14 -18.18
CA VAL B 291 -17.37 8.71 -19.41
C VAL B 291 -17.87 7.90 -20.59
N PRO B 292 -17.81 8.48 -21.79
CA PRO B 292 -18.03 7.67 -23.00
C PRO B 292 -16.93 6.62 -23.09
N LEU B 293 -17.29 5.45 -23.59
CA LEU B 293 -16.31 4.43 -23.92
C LEU B 293 -16.85 3.60 -25.06
N ILE B 294 -16.09 3.58 -26.16
CA ILE B 294 -16.34 2.65 -27.26
C ILE B 294 -15.06 1.87 -27.50
N ILE B 295 -15.21 0.56 -27.70
CA ILE B 295 -14.10 -0.32 -28.04
C ILE B 295 -14.38 -0.92 -29.41
N SER B 296 -13.40 -0.82 -30.30
CA SER B 296 -13.56 -1.25 -31.69
C SER B 296 -12.33 -2.03 -32.12
N TRP B 297 -12.55 -3.24 -32.63
CA TRP B 297 -11.47 -4.01 -33.26
C TRP B 297 -12.06 -4.68 -34.48
N PRO B 298 -11.97 -4.05 -35.65
CA PRO B 298 -12.79 -4.49 -36.79
C PRO B 298 -12.61 -5.94 -37.15
N ALA B 299 -11.38 -6.46 -37.13
CA ALA B 299 -11.17 -7.86 -37.48
C ALA B 299 -11.68 -8.82 -36.41
N GLY B 300 -11.86 -8.35 -35.18
CA GLY B 300 -12.41 -9.21 -34.14
C GLY B 300 -13.77 -8.79 -33.66
N LYS B 301 -14.51 -8.02 -34.48
CA LYS B 301 -15.71 -7.37 -33.98
C LYS B 301 -16.74 -8.37 -33.46
N GLU B 302 -16.84 -9.53 -34.10
CA GLU B 302 -17.79 -10.53 -33.64
C GLU B 302 -17.40 -11.10 -32.29
N LEU B 303 -16.10 -11.23 -32.02
CA LEU B 303 -15.67 -11.68 -30.70
C LEU B 303 -16.00 -10.65 -29.63
N LEU B 304 -15.68 -9.38 -29.89
CA LEU B 304 -15.95 -8.34 -28.90
C LEU B 304 -17.45 -8.20 -28.64
N LYS B 305 -18.26 -8.33 -29.70
CA LYS B 305 -19.70 -8.16 -29.57
C LYS B 305 -20.39 -9.35 -28.91
N SER B 306 -19.68 -10.45 -28.67
CA SER B 306 -20.31 -11.65 -28.12
C SER B 306 -21.13 -11.37 -26.87
N LYS B 307 -20.61 -10.57 -25.95
CA LYS B 307 -21.34 -10.30 -24.72
C LYS B 307 -22.33 -9.15 -24.86
N GLY B 308 -22.50 -8.60 -26.05
CA GLY B 308 -23.46 -7.54 -26.28
C GLY B 308 -22.78 -6.37 -26.94
N ALA B 309 -23.40 -5.80 -27.99
CA ALA B 309 -22.81 -4.64 -28.65
C ALA B 309 -23.01 -3.37 -27.84
N VAL B 310 -24.00 -3.35 -26.97
CA VAL B 310 -24.20 -2.29 -26.00
C VAL B 310 -24.03 -2.93 -24.64
N ARG B 311 -23.03 -2.49 -23.89
CA ARG B 311 -22.68 -3.09 -22.61
C ARG B 311 -23.09 -2.13 -21.49
N ASN B 312 -24.11 -2.53 -20.72
CA ASN B 312 -24.63 -1.74 -19.62
C ASN B 312 -24.12 -2.18 -18.25
N ASP B 313 -23.26 -3.19 -18.19
CA ASP B 313 -22.74 -3.61 -16.90
C ASP B 313 -21.73 -2.59 -16.35
N LEU B 314 -21.55 -2.63 -15.03
CA LEU B 314 -20.63 -1.74 -14.34
C LEU B 314 -19.18 -2.12 -14.65
N ILE B 315 -18.42 -1.17 -15.17
CA ILE B 315 -16.98 -1.32 -15.34
C ILE B 315 -16.31 -0.06 -14.80
N SER B 316 -15.03 -0.20 -14.48
CA SER B 316 -14.15 0.88 -14.07
C SER B 316 -13.25 1.29 -15.22
N GLY B 317 -12.83 2.57 -15.22
CA GLY B 317 -11.78 2.98 -16.16
C GLY B 317 -10.53 2.12 -16.05
N LEU B 318 -10.27 1.55 -14.85
CA LEU B 318 -9.14 0.65 -14.65
C LEU B 318 -9.27 -0.61 -15.50
N ASP B 319 -10.47 -0.95 -15.96
CA ASP B 319 -10.60 -2.10 -16.85
C ASP B 319 -10.10 -1.80 -18.25
N ILE B 320 -9.93 -0.53 -18.60
CA ILE B 320 -9.40 -0.19 -19.93
C ILE B 320 -7.98 -0.72 -20.11
N PRO B 321 -7.01 -0.41 -19.23
CA PRO B 321 -5.67 -1.00 -19.42
C PRO B 321 -5.64 -2.52 -19.29
N ALA B 322 -6.43 -3.09 -18.38
CA ALA B 322 -6.42 -4.55 -18.25
C ALA B 322 -6.97 -5.22 -19.51
N THR B 323 -8.07 -4.68 -20.07
CA THR B 323 -8.62 -5.23 -21.31
C THR B 323 -7.65 -5.00 -22.47
N SER B 324 -6.91 -3.87 -22.47
CA SER B 324 -5.94 -3.63 -23.54
C SER B 324 -4.83 -4.67 -23.50
N LEU B 325 -4.37 -5.02 -22.31
CA LEU B 325 -3.34 -6.05 -22.17
C LEU B 325 -3.86 -7.41 -22.61
N ALA B 326 -5.05 -7.80 -22.13
CA ALA B 326 -5.59 -9.11 -22.46
C ALA B 326 -5.82 -9.22 -23.97
N LEU B 327 -6.34 -8.16 -24.58
CA LEU B 327 -6.58 -8.22 -26.02
C LEU B 327 -5.28 -8.40 -26.77
N ALA B 328 -4.19 -7.81 -26.27
CA ALA B 328 -2.88 -7.94 -26.88
C ALA B 328 -2.18 -9.24 -26.56
N GLY B 329 -2.71 -10.03 -25.63
CA GLY B 329 -2.07 -11.27 -25.23
C GLY B 329 -1.04 -11.13 -24.14
N ILE B 330 -1.08 -10.06 -23.35
CA ILE B 330 -0.12 -9.79 -22.27
C ILE B 330 -0.81 -10.06 -20.93
N ASP B 331 -0.15 -10.83 -20.07
CA ASP B 331 -0.67 -11.09 -18.74
C ASP B 331 -0.95 -9.78 -17.99
N ILE B 332 -2.09 -9.73 -17.32
CA ILE B 332 -2.42 -8.61 -16.44
C ILE B 332 -1.72 -8.85 -15.10
N PRO B 333 -0.84 -7.94 -14.65
CA PRO B 333 -0.14 -8.17 -13.39
C PRO B 333 -1.11 -8.40 -12.24
N SER B 334 -0.64 -9.17 -11.24
CA SER B 334 -1.52 -9.54 -10.15
C SER B 334 -2.00 -8.32 -9.39
N TYR B 335 -1.19 -7.26 -9.34
CA TYR B 335 -1.54 -6.08 -8.56
C TYR B 335 -2.39 -5.07 -9.34
N TYR B 336 -2.62 -5.27 -10.63
CA TYR B 336 -3.56 -4.41 -11.35
C TYR B 336 -4.98 -4.66 -10.84
N ASP B 337 -5.80 -3.60 -10.82
CA ASP B 337 -7.16 -3.70 -10.33
C ASP B 337 -8.16 -4.05 -11.44
N GLY B 338 -7.81 -3.82 -12.69
CA GLY B 338 -8.77 -3.97 -13.77
C GLY B 338 -8.89 -5.40 -14.26
N LYS B 339 -9.96 -5.63 -15.01
CA LYS B 339 -10.25 -6.93 -15.61
C LYS B 339 -10.49 -6.79 -17.10
N ASN B 340 -10.35 -7.91 -17.81
CA ASN B 340 -10.68 -8.00 -19.22
C ASN B 340 -12.19 -8.07 -19.35
N VAL B 341 -12.81 -6.98 -19.82
CA VAL B 341 -14.26 -6.90 -19.89
C VAL B 341 -14.85 -7.83 -20.94
N PHE B 342 -14.01 -8.44 -21.78
CA PHE B 342 -14.47 -9.40 -22.76
C PHE B 342 -14.19 -10.85 -22.37
N SER B 343 -13.64 -11.11 -21.18
CA SER B 343 -13.39 -12.47 -20.77
C SER B 343 -14.70 -13.20 -20.51
N GLU B 344 -14.68 -14.53 -20.70
CA GLU B 344 -15.87 -15.31 -20.41
C GLU B 344 -16.29 -15.18 -18.96
N GLU B 345 -15.34 -14.97 -18.05
CA GLU B 345 -15.67 -14.88 -16.64
C GLU B 345 -16.27 -13.53 -16.23
N PHE B 346 -16.00 -12.44 -16.96
CA PHE B 346 -16.45 -11.11 -16.51
C PHE B 346 -17.95 -10.95 -16.70
N SER B 347 -18.65 -10.63 -15.61
CA SER B 347 -20.09 -10.44 -15.67
C SER B 347 -20.52 -9.07 -15.11
N GLY B 348 -19.62 -8.09 -15.08
CA GLY B 348 -19.95 -6.80 -14.50
C GLY B 348 -19.51 -6.67 -13.06
N ARG B 349 -19.00 -5.50 -12.69
CA ARG B 349 -18.58 -5.28 -11.31
C ARG B 349 -19.79 -5.14 -10.40
N ASP B 350 -19.65 -5.61 -9.15
CA ASP B 350 -20.71 -5.37 -8.17
C ASP B 350 -20.77 -3.92 -7.74
N TYR B 351 -19.66 -3.20 -7.86
CA TYR B 351 -19.62 -1.79 -7.49
C TYR B 351 -18.38 -1.20 -8.16
N VAL B 352 -18.36 0.12 -8.30
CA VAL B 352 -17.19 0.83 -8.80
C VAL B 352 -16.89 2.01 -7.88
N ILE B 353 -15.61 2.21 -7.57
CA ILE B 353 -15.15 3.24 -6.66
C ILE B 353 -14.60 4.41 -7.46
N SER B 354 -14.92 5.63 -7.03
CA SER B 354 -14.22 6.81 -7.51
C SER B 354 -13.73 7.62 -6.31
N ALA B 355 -12.69 8.42 -6.54
CA ALA B 355 -12.01 9.13 -5.47
C ALA B 355 -11.71 10.55 -5.91
N LYS B 356 -11.92 11.50 -5.02
CA LYS B 356 -11.43 12.86 -5.25
C LYS B 356 -10.59 13.28 -4.07
N ASP B 357 -9.45 13.90 -4.38
CA ASP B 357 -8.58 14.38 -3.32
C ASP B 357 -8.23 15.83 -3.63
N ARG B 358 -7.01 16.28 -3.32
CA ARG B 358 -6.70 17.67 -3.56
C ARG B 358 -6.81 18.00 -5.04
N MET B 359 -7.30 19.19 -5.35
CA MET B 359 -7.33 19.67 -6.73
C MET B 359 -6.79 21.10 -6.77
N ASP B 360 -5.63 21.26 -7.40
CA ASP B 360 -4.87 22.51 -7.39
C ASP B 360 -4.60 22.91 -5.94
N TYR B 361 -5.20 24.01 -5.48
CA TYR B 361 -5.07 24.45 -4.10
C TYR B 361 -6.30 24.13 -3.25
N THR B 362 -7.24 23.34 -3.76
CA THR B 362 -8.46 22.98 -3.03
C THR B 362 -8.24 21.64 -2.34
N PHE B 363 -8.01 21.67 -1.01
CA PHE B 363 -7.78 20.46 -0.24
C PHE B 363 -9.12 19.86 0.19
N ASP B 364 -9.37 18.61 -0.16
CA ASP B 364 -10.61 17.94 0.21
C ASP B 364 -10.40 16.45 -0.02
N ARG B 365 -11.35 15.65 0.46
CA ARG B 365 -11.30 14.21 0.25
C ARG B 365 -12.70 13.66 0.28
N ALA B 366 -13.07 12.93 -0.78
CA ALA B 366 -14.38 12.28 -0.80
C ALA B 366 -14.26 11.01 -1.64
N ARG B 367 -15.11 10.04 -1.34
CA ARG B 367 -15.08 8.75 -2.01
C ARG B 367 -16.49 8.37 -2.39
N SER B 368 -16.67 7.75 -3.55
CA SER B 368 -17.98 7.32 -3.98
C SER B 368 -18.01 5.83 -4.27
N VAL B 369 -19.17 5.22 -3.99
CA VAL B 369 -19.45 3.83 -4.32
C VAL B 369 -20.67 3.84 -5.23
N ARG B 370 -20.51 3.29 -6.43
CA ARG B 370 -21.58 3.16 -7.40
C ARG B 370 -21.95 1.69 -7.48
N THR B 371 -23.19 1.37 -7.12
CA THR B 371 -23.70 0.03 -7.36
C THR B 371 -24.66 0.10 -8.54
N GLU B 372 -25.36 -1.01 -8.80
CA GLU B 372 -26.27 -1.05 -9.94
C GLU B 372 -27.34 0.04 -9.85
N LYS B 373 -27.86 0.31 -8.65
CA LYS B 373 -29.00 1.20 -8.48
C LYS B 373 -28.67 2.52 -7.78
N TYR B 374 -27.60 2.59 -7.00
CA TYR B 374 -27.35 3.74 -6.12
C TYR B 374 -25.97 4.31 -6.37
N ARG B 375 -25.84 5.62 -6.10
CA ARG B 375 -24.55 6.26 -5.90
C ARG B 375 -24.45 6.77 -4.47
N TYR B 376 -23.37 6.38 -3.79
CA TYR B 376 -23.08 6.79 -2.43
C TYR B 376 -21.83 7.64 -2.42
N ILE B 377 -21.85 8.75 -1.67
CA ILE B 377 -20.65 9.57 -1.51
C ILE B 377 -20.37 9.74 -0.02
N ARG B 378 -19.14 9.45 0.38
CA ARG B 378 -18.67 9.71 1.74
C ARG B 378 -17.80 10.96 1.70
N GLN B 379 -18.16 11.96 2.53
CA GLN B 379 -17.49 13.26 2.56
C GLN B 379 -16.58 13.32 3.79
N TYR B 380 -15.28 13.36 3.56
CA TYR B 380 -14.34 13.38 4.67
C TYR B 380 -14.07 14.78 5.21
N HIS B 381 -14.53 15.83 4.53
CA HIS B 381 -14.39 17.19 5.05
C HIS B 381 -15.75 17.90 5.00
N PRO B 382 -16.73 17.41 5.78
CA PRO B 382 -18.04 18.07 5.80
C PRO B 382 -17.97 19.49 6.29
N GLU B 383 -16.91 19.89 7.00
CA GLU B 383 -16.76 21.26 7.46
C GLU B 383 -16.35 22.23 6.36
N LEU B 384 -15.98 21.73 5.18
CA LEU B 384 -15.60 22.57 4.05
C LEU B 384 -16.72 22.61 3.02
N SER B 385 -16.99 23.80 2.48
CA SER B 385 -18.06 23.92 1.51
C SER B 385 -17.66 23.28 0.18
N SER B 386 -18.65 22.71 -0.52
CA SER B 386 -18.35 22.28 -1.88
C SER B 386 -18.03 23.47 -2.76
N ALA B 387 -18.38 24.68 -2.31
CA ALA B 387 -18.10 25.90 -3.06
C ALA B 387 -16.85 26.60 -2.56
N GLN B 388 -15.96 25.85 -1.90
CA GLN B 388 -14.62 26.23 -1.48
C GLN B 388 -13.87 26.95 -2.60
N PRO B 389 -12.92 27.83 -2.30
CA PRO B 389 -12.15 28.47 -3.38
C PRO B 389 -11.46 27.42 -4.25
N GLN B 390 -11.48 27.66 -5.56
CA GLN B 390 -10.98 26.68 -6.52
C GLN B 390 -10.66 27.41 -7.83
N TYR B 391 -10.01 26.68 -8.74
CA TYR B 391 -9.43 27.30 -9.93
C TYR B 391 -10.47 27.89 -10.88
N ARG B 392 -11.73 27.43 -10.81
CA ARG B 392 -12.74 27.97 -11.71
C ARG B 392 -13.41 29.23 -11.16
N ASP B 393 -12.87 29.82 -10.08
CA ASP B 393 -13.56 30.91 -9.40
C ASP B 393 -13.70 32.16 -10.24
N LYS B 394 -12.85 32.36 -11.25
CA LYS B 394 -12.94 33.55 -12.10
C LYS B 394 -13.68 33.30 -13.41
N LYS B 395 -14.22 32.10 -13.61
CA LYS B 395 -15.05 31.84 -14.78
C LYS B 395 -16.43 32.48 -14.63
N GLN B 396 -16.97 33.00 -15.74
CA GLN B 396 -18.26 33.70 -15.67
C GLN B 396 -19.36 32.79 -15.16
N TYR B 397 -19.36 31.52 -15.57
CA TYR B 397 -20.42 30.64 -15.09
C TYR B 397 -20.35 30.47 -13.58
N SER B 398 -19.15 30.55 -13.00
CA SER B 398 -19.05 30.41 -11.56
C SER B 398 -19.41 31.72 -10.86
N ILE B 399 -18.91 32.84 -11.39
CA ILE B 399 -19.25 34.16 -10.85
C ILE B 399 -20.75 34.38 -10.85
N GLU B 400 -21.41 34.09 -11.98
CA GLU B 400 -22.84 34.36 -12.10
C GLU B 400 -23.65 33.50 -11.13
N ALA B 401 -23.27 32.22 -10.97
CA ALA B 401 -24.01 31.33 -10.06
C ALA B 401 -23.84 31.76 -8.62
N ARG B 402 -22.61 32.04 -8.18
N ARG B 402 -22.58 32.02 -8.20
CA ARG B 402 -22.43 32.45 -6.79
CA ARG B 402 -22.30 32.49 -6.85
C ARG B 402 -23.09 33.79 -6.51
C ARG B 402 -23.05 33.78 -6.53
N ALA B 403 -23.13 34.69 -7.50
CA ALA B 403 -23.84 35.95 -7.32
C ALA B 403 -25.31 35.71 -7.00
N LEU B 404 -25.97 34.82 -7.77
CA LEU B 404 -27.36 34.50 -7.50
C LEU B 404 -27.54 33.90 -6.10
N TYR B 405 -26.61 33.05 -5.67
CA TYR B 405 -26.67 32.50 -4.32
C TYR B 405 -26.65 33.60 -3.27
N GLU B 406 -25.67 34.50 -3.37
CA GLU B 406 -25.52 35.55 -2.37
C GLU B 406 -26.70 36.50 -2.33
N GLU B 407 -27.40 36.67 -3.47
CA GLU B 407 -28.62 37.46 -3.52
C GLU B 407 -29.83 36.68 -3.05
N GLY B 408 -29.65 35.42 -2.65
CA GLY B 408 -30.77 34.62 -2.19
C GLY B 408 -31.73 34.16 -3.26
N LYS B 409 -31.29 34.09 -4.53
CA LYS B 409 -32.19 33.79 -5.64
C LYS B 409 -32.13 32.34 -6.12
N LEU B 410 -31.33 31.47 -5.50
CA LEU B 410 -31.27 30.09 -5.95
C LEU B 410 -32.34 29.25 -5.28
N THR B 411 -32.81 28.22 -6.00
CA THR B 411 -33.66 27.22 -5.36
C THR B 411 -32.86 26.43 -4.33
N PRO B 412 -33.54 25.74 -3.41
CA PRO B 412 -32.79 24.90 -2.45
C PRO B 412 -31.93 23.85 -3.14
N VAL B 413 -32.38 23.31 -4.27
CA VAL B 413 -31.57 22.32 -4.99
C VAL B 413 -30.32 22.97 -5.59
N GLN B 414 -30.46 24.20 -6.08
CA GLN B 414 -29.30 24.92 -6.61
C GLN B 414 -28.38 25.41 -5.50
N ALA B 415 -28.95 25.74 -4.34
CA ALA B 415 -28.16 26.33 -3.27
C ALA B 415 -27.38 25.29 -2.47
N ALA B 416 -27.75 24.00 -2.55
CA ALA B 416 -27.08 22.99 -1.74
C ALA B 416 -25.57 23.02 -1.93
N TYR B 417 -25.12 23.19 -3.18
CA TYR B 417 -23.70 23.26 -3.48
C TYR B 417 -23.01 24.37 -2.71
N TYR B 418 -23.69 25.50 -2.48
CA TYR B 418 -23.07 26.64 -1.82
C TYR B 418 -23.20 26.63 -0.30
N SER B 419 -23.84 25.64 0.30
CA SER B 419 -23.96 25.66 1.74
C SER B 419 -22.56 25.55 2.38
N PRO B 420 -22.36 26.11 3.57
CA PRO B 420 -21.02 26.11 4.15
C PRO B 420 -20.54 24.73 4.58
N THR B 421 -21.44 23.75 4.74
CA THR B 421 -21.07 22.41 5.15
C THR B 421 -21.68 21.41 4.18
N LYS B 422 -21.12 20.21 4.18
CA LYS B 422 -21.65 19.07 3.44
C LYS B 422 -22.24 18.05 4.39
N PRO B 423 -23.18 17.23 3.94
CA PRO B 423 -23.50 16.02 4.70
C PRO B 423 -22.29 15.09 4.74
N VAL B 424 -22.22 14.26 5.78
CA VAL B 424 -21.12 13.31 5.85
C VAL B 424 -21.31 12.19 4.83
N GLU B 425 -22.56 11.86 4.48
CA GLU B 425 -22.85 10.83 3.50
C GLU B 425 -23.99 11.26 2.58
N GLU B 426 -23.89 10.91 1.31
CA GLU B 426 -24.96 11.11 0.34
C GLU B 426 -25.30 9.76 -0.29
N LEU B 427 -26.59 9.54 -0.54
CA LEU B 427 -27.04 8.31 -1.19
C LEU B 427 -28.15 8.68 -2.16
N TYR B 428 -28.02 8.21 -3.41
CA TYR B 428 -28.95 8.58 -4.46
C TYR B 428 -29.48 7.34 -5.16
N ASP B 429 -30.80 7.26 -5.28
CA ASP B 429 -31.45 6.26 -6.12
C ASP B 429 -31.43 6.81 -7.54
N LEU B 430 -30.58 6.23 -8.40
CA LEU B 430 -30.33 6.83 -9.70
C LEU B 430 -31.47 6.62 -10.69
N GLN B 431 -32.32 5.61 -10.49
CA GLN B 431 -33.45 5.43 -11.38
C GLN B 431 -34.52 6.49 -11.13
N SER B 432 -34.82 6.78 -9.87
CA SER B 432 -35.82 7.79 -9.58
C SER B 432 -35.25 9.20 -9.58
N ASP B 433 -33.96 9.36 -9.34
CA ASP B 433 -33.34 10.66 -9.09
C ASP B 433 -32.02 10.71 -9.86
N PRO B 434 -32.10 10.68 -11.20
CA PRO B 434 -30.85 10.65 -11.99
C PRO B 434 -30.01 11.92 -11.84
N ASP B 435 -30.61 13.06 -11.50
CA ASP B 435 -29.82 14.26 -11.27
C ASP B 435 -29.21 14.31 -9.88
N GLN B 436 -29.46 13.31 -9.05
CA GLN B 436 -28.91 13.21 -7.69
C GLN B 436 -29.13 14.50 -6.90
N ILE B 437 -30.40 14.85 -6.73
CA ILE B 437 -30.79 16.00 -5.95
C ILE B 437 -31.59 15.64 -4.71
N LYS B 438 -31.82 14.35 -4.47
CA LYS B 438 -32.57 13.91 -3.29
C LYS B 438 -31.70 12.95 -2.48
N ASN B 439 -30.98 13.50 -1.49
CA ASN B 439 -30.15 12.69 -0.62
C ASN B 439 -31.02 11.80 0.26
N LEU B 440 -30.83 10.48 0.18
CA LEU B 440 -31.62 9.54 0.94
C LEU B 440 -30.95 9.08 2.23
N ALA B 441 -29.77 9.61 2.55
CA ALA B 441 -28.95 9.03 3.61
C ALA B 441 -29.57 9.18 4.99
N ALA B 442 -30.44 10.16 5.20
CA ALA B 442 -31.09 10.35 6.49
C ALA B 442 -32.46 9.69 6.56
N LEU B 443 -32.85 8.93 5.54
CA LEU B 443 -34.18 8.32 5.53
C LEU B 443 -34.13 6.90 6.09
N PRO B 444 -34.91 6.57 7.11
CA PRO B 444 -34.86 5.19 7.66
C PRO B 444 -35.16 4.12 6.64
N LYS B 445 -35.97 4.42 5.62
CA LYS B 445 -36.24 3.45 4.57
C LYS B 445 -34.95 3.03 3.84
N TYR B 446 -33.91 3.88 3.85
CA TYR B 446 -32.69 3.61 3.11
C TYR B 446 -31.48 3.32 3.98
N LYS B 447 -31.68 3.06 5.28
CA LYS B 447 -30.52 2.85 6.15
C LYS B 447 -29.79 1.56 5.79
N LYS B 448 -30.54 0.54 5.35
CA LYS B 448 -29.91 -0.73 4.98
C LYS B 448 -29.00 -0.54 3.77
N GLU B 449 -29.49 0.16 2.74
CA GLU B 449 -28.63 0.44 1.58
C GLU B 449 -27.48 1.34 1.97
N LEU B 450 -27.74 2.34 2.81
CA LEU B 450 -26.65 3.21 3.27
C LEU B 450 -25.55 2.40 3.96
N LEU B 451 -25.94 1.52 4.89
CA LEU B 451 -24.93 0.72 5.60
C LEU B 451 -24.19 -0.20 4.64
N ARG B 452 -24.89 -0.78 3.66
CA ARG B 452 -24.23 -1.63 2.68
C ARG B 452 -23.17 -0.87 1.88
N HIS B 453 -23.51 0.34 1.42
CA HIS B 453 -22.54 1.12 0.65
C HIS B 453 -21.41 1.60 1.55
N ARG B 454 -21.73 2.02 2.77
CA ARG B 454 -20.70 2.44 3.71
C ARG B 454 -19.67 1.34 3.93
N GLN B 455 -20.12 0.07 4.05
CA GLN B 455 -19.18 -1.01 4.29
C GLN B 455 -18.39 -1.38 3.03
N ILE B 456 -18.97 -1.24 1.84
CA ILE B 456 -18.20 -1.46 0.62
C ILE B 456 -17.00 -0.53 0.58
N LEU B 457 -17.20 0.74 0.94
CA LEU B 457 -16.09 1.70 0.97
C LEU B 457 -15.04 1.26 1.99
N LEU B 458 -15.50 0.85 3.18
CA LEU B 458 -14.57 0.38 4.20
C LEU B 458 -13.77 -0.82 3.73
N ASP B 459 -14.44 -1.77 3.04
CA ASP B 459 -13.72 -2.92 2.49
C ASP B 459 -12.62 -2.47 1.54
N TRP B 460 -12.90 -1.43 0.75
CA TRP B 460 -11.94 -0.96 -0.24
C TRP B 460 -10.79 -0.20 0.41
N ILE B 461 -11.10 0.62 1.43
CA ILE B 461 -10.04 1.31 2.16
C ILE B 461 -9.12 0.32 2.86
N ALA B 462 -9.70 -0.71 3.49
CA ALA B 462 -8.90 -1.68 4.24
C ALA B 462 -7.93 -2.43 3.34
N LYS B 463 -8.37 -2.82 2.15
CA LYS B 463 -7.52 -3.67 1.31
C LYS B 463 -6.51 -2.86 0.50
N THR B 464 -6.80 -1.60 0.22
CA THR B 464 -5.85 -0.79 -0.55
C THR B 464 -5.05 0.16 0.31
N ASP B 465 -5.46 0.42 1.56
CA ASP B 465 -4.85 1.46 2.40
C ASP B 465 -4.78 2.81 1.67
N ASP B 466 -5.93 3.21 1.11
CA ASP B 466 -6.19 4.53 0.54
C ASP B 466 -5.26 5.60 1.11
N LYS B 467 -4.29 6.06 0.31
CA LYS B 467 -3.30 7.02 0.81
C LYS B 467 -3.89 8.41 1.01
N GLY B 468 -5.08 8.68 0.51
CA GLY B 468 -5.74 9.96 0.84
C GLY B 468 -6.08 10.11 2.31
N ALA B 469 -5.99 9.04 3.10
CA ALA B 469 -6.16 9.14 4.54
C ALA B 469 -5.05 9.94 5.21
N TYR B 470 -3.90 10.14 4.54
CA TYR B 470 -2.75 10.76 5.20
C TYR B 470 -2.48 12.15 4.68
N PRO B 471 -2.19 13.11 5.55
CA PRO B 471 -1.90 14.48 5.10
C PRO B 471 -0.67 14.53 4.22
N GLU B 472 -0.67 15.48 3.28
CA GLU B 472 0.48 15.69 2.42
C GLU B 472 1.63 16.32 3.22
N SER B 473 2.86 16.01 2.79
CA SER B 473 4.07 16.57 3.38
C SER B 473 4.14 18.10 3.24
N GLU B 474 4.91 18.73 4.13
CA GLU B 474 5.15 20.16 3.99
C GLU B 474 5.84 20.50 2.67
N ARG B 475 6.71 19.62 2.16
CA ARG B 475 7.32 19.83 0.85
C ARG B 475 6.26 19.81 -0.25
N ALA B 476 5.25 18.96 -0.11
CA ALA B 476 4.17 18.93 -1.09
C ALA B 476 3.33 20.20 -1.02
N VAL B 477 3.09 20.70 0.20
CA VAL B 477 2.36 21.95 0.34
C VAL B 477 3.14 23.09 -0.30
N LYS B 478 4.47 23.08 -0.17
CA LYS B 478 5.26 24.14 -0.78
C LYS B 478 5.13 24.13 -2.29
N GLU B 479 4.99 22.94 -2.89
CA GLU B 479 4.77 22.84 -4.33
C GLU B 479 3.45 23.49 -4.72
N VAL B 480 2.40 23.29 -3.92
CA VAL B 480 1.15 24.02 -4.15
C VAL B 480 1.42 25.53 -4.09
N LEU B 481 2.18 25.97 -3.10
CA LEU B 481 2.42 27.41 -2.94
C LEU B 481 3.27 27.96 -4.08
N ASP B 482 4.24 27.18 -4.58
CA ASP B 482 5.04 27.61 -5.73
C ASP B 482 4.15 27.99 -6.90
N ILE B 483 3.16 27.15 -7.20
CA ILE B 483 2.31 27.32 -8.38
C ILE B 483 1.21 28.34 -8.13
N TRP B 484 0.60 28.32 -6.95
CA TRP B 484 -0.63 29.06 -6.74
C TRP B 484 -0.50 30.21 -5.74
N GLY B 485 0.56 30.24 -4.93
CA GLY B 485 0.79 31.38 -4.05
C GLY B 485 -0.43 31.76 -3.24
N LYS B 486 -0.81 33.04 -3.33
CA LYS B 486 -1.87 33.57 -2.49
C LYS B 486 -3.24 33.00 -2.85
N ASN B 487 -3.39 32.30 -3.96
CA ASN B 487 -4.67 31.62 -4.20
C ASN B 487 -4.96 30.57 -3.14
N CYS B 488 -3.94 29.93 -2.59
CA CYS B 488 -4.20 28.93 -1.56
C CYS B 488 -4.58 29.61 -0.24
N VAL B 489 -5.76 29.26 0.27
CA VAL B 489 -6.24 29.73 1.56
C VAL B 489 -6.58 28.57 2.49
N SER B 490 -6.14 27.36 2.17
CA SER B 490 -6.48 26.21 2.98
C SER B 490 -5.83 26.28 4.35
N THR B 491 -6.36 25.49 5.30
CA THR B 491 -5.69 25.37 6.59
C THR B 491 -4.25 24.86 6.42
N GLN B 492 -4.02 23.94 5.47
CA GLN B 492 -2.68 23.41 5.22
C GLN B 492 -1.71 24.51 4.80
N CYS B 493 -2.14 25.40 3.90
CA CYS B 493 -1.26 26.46 3.41
C CYS B 493 -1.05 27.55 4.46
N GLU B 494 -2.09 27.90 5.22
CA GLU B 494 -1.92 28.90 6.26
C GLU B 494 -0.96 28.40 7.33
N SER B 495 -1.05 27.11 7.67
CA SER B 495 -0.09 26.52 8.59
C SER B 495 1.33 26.57 8.02
N TYR B 496 1.48 26.24 6.73
CA TYR B 496 2.81 26.30 6.12
C TYR B 496 3.40 27.72 6.20
N ARG B 497 2.61 28.73 5.84
CA ARG B 497 3.13 30.10 5.87
C ARG B 497 3.56 30.51 7.28
N LEU B 498 2.76 30.15 8.30
CA LEU B 498 3.14 30.46 9.68
C LEU B 498 4.47 29.81 10.06
N HIS B 499 4.74 28.63 9.53
CA HIS B 499 5.94 27.89 9.89
C HIS B 499 7.18 28.36 9.13
N HIS B 500 7.01 29.13 8.05
CA HIS B 500 8.12 29.51 7.18
C HIS B 500 8.10 31.00 6.85
N PRO B 501 8.16 31.87 7.86
CA PRO B 501 7.98 33.30 7.59
C PRO B 501 9.09 33.90 6.74
N ASP B 502 10.29 33.30 6.72
CA ASP B 502 11.37 33.88 5.93
C ASP B 502 11.47 33.32 4.51
N SER B 503 10.84 32.18 4.21
CA SER B 503 11.04 31.59 2.89
C SER B 503 9.75 31.36 2.13
N VAL B 504 8.61 31.83 2.64
CA VAL B 504 7.31 31.47 2.10
C VAL B 504 7.20 31.78 0.60
N ASN B 505 7.77 32.90 0.17
CA ASN B 505 7.68 33.28 -1.24
C ASN B 505 8.96 33.00 -2.02
N ILE B 506 9.96 32.41 -1.40
CA ILE B 506 11.16 31.95 -2.12
C ILE B 506 10.81 30.70 -2.91
N PRO B 507 11.21 30.59 -4.18
CA PRO B 507 10.92 29.36 -4.94
C PRO B 507 11.38 28.13 -4.18
N GLY B 508 10.54 27.08 -4.20
CA GLY B 508 10.83 25.89 -3.41
C GLY B 508 12.16 25.23 -3.73
N ASP B 509 12.62 25.32 -4.98
CA ASP B 509 13.90 24.70 -5.32
C ASP B 509 15.08 25.48 -4.80
N LYS B 510 14.86 26.67 -4.21
CA LYS B 510 15.87 27.37 -3.44
C LYS B 510 15.71 27.15 -1.94
N VAL B 511 14.62 26.53 -1.49
CA VAL B 511 14.41 26.24 -0.08
C VAL B 511 14.81 24.82 0.28
N TYR B 512 14.47 23.85 -0.58
CA TYR B 512 14.59 22.43 -0.30
C TYR B 512 15.56 21.79 -1.29
N SER B 513 16.34 20.83 -0.81
CA SER B 513 17.24 20.08 -1.68
C SER B 513 16.45 19.21 -2.66
N PRO B 514 16.98 18.99 -3.86
CA PRO B 514 16.30 18.10 -4.82
C PRO B 514 16.30 16.65 -4.36
N ILE B 515 15.26 15.92 -4.74
CA ILE B 515 15.17 14.50 -4.41
C ILE B 515 15.98 13.71 -5.43
N GLN B 516 16.89 12.87 -4.97
CA GLN B 516 17.66 12.07 -5.90
C GLN B 516 16.81 10.87 -6.34
N TRP B 517 16.93 10.50 -7.61
CA TRP B 517 16.15 9.43 -8.17
C TRP B 517 16.70 8.08 -7.71
N PRO B 518 15.89 7.03 -7.73
CA PRO B 518 16.35 5.75 -7.19
C PRO B 518 17.45 5.15 -8.03
N ALA B 519 18.28 4.33 -7.39
CA ALA B 519 19.34 3.65 -8.11
C ALA B 519 18.80 2.82 -9.27
N TYR B 520 17.59 2.28 -9.13
CA TYR B 520 17.02 1.46 -10.20
C TYR B 520 16.39 2.29 -11.31
N MET B 521 16.36 3.62 -11.21
CA MET B 521 15.80 4.47 -12.27
C MET B 521 16.54 5.82 -12.28
N PRO B 522 17.72 5.86 -12.87
CA PRO B 522 18.48 7.13 -12.92
C PRO B 522 17.74 8.20 -13.71
N LYS B 523 17.97 9.45 -13.33
CA LYS B 523 17.31 10.59 -13.95
C LYS B 523 17.91 10.86 -15.33
N PRO B 524 17.09 10.99 -16.38
CA PRO B 524 17.64 11.31 -17.69
C PRO B 524 18.32 12.68 -17.72
N LYS B 525 19.28 12.83 -18.62
CA LYS B 525 19.94 14.12 -18.82
C LYS B 525 19.18 15.04 -19.77
N THR B 526 18.08 14.57 -20.36
CA THR B 526 17.32 15.34 -21.34
C THR B 526 16.91 16.70 -20.75
N PRO B 527 17.20 17.80 -21.44
CA PRO B 527 16.94 19.14 -20.87
C PRO B 527 15.52 19.36 -20.33
N TYR B 528 14.48 18.86 -20.98
CA TYR B 528 13.15 19.25 -20.53
C TYR B 528 12.81 18.70 -19.15
N TYR B 529 13.55 17.70 -18.66
CA TYR B 529 13.32 17.24 -17.28
C TYR B 529 13.60 18.36 -16.28
N SER B 530 14.51 19.27 -16.62
CA SER B 530 14.71 20.46 -15.79
C SER B 530 13.56 21.44 -15.95
N GLU B 531 13.04 21.57 -17.18
CA GLU B 531 12.00 22.56 -17.44
CA GLU B 531 12.00 22.56 -17.45
C GLU B 531 10.73 22.26 -16.67
N ILE B 532 10.30 20.99 -16.68
CA ILE B 532 9.02 20.66 -16.05
C ILE B 532 9.05 20.89 -14.55
N GLU B 533 10.24 20.97 -13.94
CA GLU B 533 10.36 21.23 -12.51
C GLU B 533 10.34 22.70 -12.14
N HIS B 534 10.43 23.61 -13.12
CA HIS B 534 10.34 25.05 -12.83
C HIS B 534 8.86 25.41 -12.76
N ILE B 535 8.28 25.19 -11.59
CA ILE B 535 6.84 25.38 -11.39
C ILE B 535 6.50 26.68 -10.70
N TYR B 536 7.49 27.41 -10.21
CA TYR B 536 7.23 28.62 -9.44
C TYR B 536 6.66 29.72 -10.32
N ARG B 537 5.58 30.34 -9.87
CA ARG B 537 4.93 31.43 -10.61
C ARG B 537 4.99 32.68 -9.75
N LYS B 538 5.88 33.60 -10.12
CA LYS B 538 6.05 34.84 -9.38
C LYS B 538 4.73 35.60 -9.28
N LYS B 539 3.95 35.62 -10.36
CA LYS B 539 2.73 36.42 -10.42
C LYS B 539 1.69 35.98 -9.40
N PHE B 540 1.75 34.74 -8.91
CA PHE B 540 0.76 34.28 -7.95
C PHE B 540 1.19 34.51 -6.51
N GLN B 541 2.41 35.00 -6.29
CA GLN B 541 2.86 35.29 -4.94
C GLN B 541 2.34 36.65 -4.48
#